data_5VE5
#
_entry.id   5VE5
#
_cell.length_a   83.503
_cell.length_b   83.503
_cell.length_c   547.609
_cell.angle_alpha   90.000
_cell.angle_beta   90.000
_cell.angle_gamma   120.000
#
_symmetry.space_group_name_H-M   'P 65 2 2'
#
loop_
_entity.id
_entity.type
_entity.pdbx_description
1 polymer BpPRF
2 non-polymer 'FE (III) ION'
3 non-polymer GLUTATHIONE
4 non-polymer 'CHLORIDE ION'
5 non-polymer IMIDAZOLE
6 non-polymer 'TRIETHYLENE GLYCOL'
7 water water
#
_entity_poly.entity_id   1
_entity_poly.type   'polypeptide(L)'
_entity_poly.pdbx_seq_one_letter_code
;MGSSHHHHHHSSGLVPRGSHMLIFRQLFDQQSSTYTYLLADSTTREAVLIDPVFEQVRRDAALIEELGLHLLYTIDTHVH
ADHVTGAWMLNRRIGSRIAISAASGAEGADRYLSHGDKVEFGTRYLTVRATPGHTDGCITLVLDNETMAFTGDCLLIRGT
GRTDFQRGDAHTMFRAVHGQIFTLPTACLLYPAHDYRGLTVTSVGEERRFNPRLGGELCEEDFTGYMTNLHLPHPKQIDV
AVPANLKCGLAASVPTQMTEPDWAPLTCSFAGIWEINAQWLEENLRAVEIVDVREPEEFNGPLGRIPAARLISLGELAGR
TAELTKDRPIVTVSRAGGRSAQATVMLRQAGFERVANLPGGMLRWRAEGRVVENGSV
;
_entity_poly.pdbx_strand_id   A,B,C
#
loop_
_chem_comp.id
_chem_comp.type
_chem_comp.name
_chem_comp.formula
CL non-polymer 'CHLORIDE ION' 'Cl -1'
FE non-polymer 'FE (III) ION' 'Fe 3'
GSH non-polymer GLUTATHIONE 'C10 H17 N3 O6 S'
IMD non-polymer IMIDAZOLE 'C3 H5 N2 1'
PGE non-polymer 'TRIETHYLENE GLYCOL' 'C6 H14 O4'
#
# COMPACT_ATOMS: atom_id res chain seq x y z
N SER A 19 -33.71 20.39 -18.64
CA SER A 19 -34.51 21.00 -19.71
C SER A 19 -35.91 21.37 -19.24
N HIS A 20 -36.57 20.46 -18.52
CA HIS A 20 -37.87 20.74 -17.90
C HIS A 20 -37.67 20.95 -16.42
N MET A 21 -38.80 21.01 -15.70
CA MET A 21 -38.78 21.37 -14.29
C MET A 21 -37.96 20.40 -13.46
N LEU A 22 -37.42 20.94 -12.37
CA LEU A 22 -36.63 20.19 -11.41
C LEU A 22 -37.59 19.72 -10.34
N ILE A 23 -37.48 18.48 -9.93
CA ILE A 23 -38.27 17.98 -8.81
C ILE A 23 -37.37 17.98 -7.59
N PHE A 24 -37.78 18.68 -6.56
CA PHE A 24 -36.98 18.88 -5.37
C PHE A 24 -37.82 18.60 -4.12
N ARG A 25 -37.26 17.82 -3.20
CA ARG A 25 -37.93 17.48 -1.95
C ARG A 25 -36.91 17.46 -0.83
N GLN A 26 -37.19 18.25 0.19
CA GLN A 26 -36.41 18.24 1.42
C GLN A 26 -37.15 17.37 2.42
N LEU A 27 -36.44 16.40 3.01
CA LEU A 27 -37.02 15.46 3.96
C LEU A 27 -36.20 15.51 5.26
N PHE A 28 -36.87 15.38 6.39
CA PHE A 28 -36.29 15.57 7.71
C PHE A 28 -36.39 14.29 8.50
N ASP A 29 -35.30 13.90 9.17
CA ASP A 29 -35.32 12.76 10.10
C ASP A 29 -35.33 13.29 11.53
N GLN A 30 -36.48 13.19 12.19
CA GLN A 30 -36.64 13.79 13.51
C GLN A 30 -35.63 13.25 14.52
N GLN A 31 -35.19 11.99 14.35
CA GLN A 31 -34.32 11.38 15.34
C GLN A 31 -32.95 12.06 15.36
N SER A 32 -32.36 12.25 14.18
CA SER A 32 -31.04 12.85 14.05
C SER A 32 -31.08 14.27 13.51
N SER A 33 -32.28 14.81 13.24
CA SER A 33 -32.45 16.14 12.67
C SER A 33 -31.73 16.30 11.34
N THR A 34 -31.64 15.22 10.57
CA THR A 34 -30.92 15.25 9.31
C THR A 34 -31.86 15.64 8.18
N TYR A 35 -31.38 16.49 7.28
CA TYR A 35 -32.09 16.80 6.06
C TYR A 35 -31.56 15.90 4.94
N THR A 36 -32.46 15.14 4.32
CA THR A 36 -32.19 14.37 3.11
C THR A 36 -32.76 15.17 1.95
N TYR A 37 -32.08 15.16 0.81
CA TYR A 37 -32.53 15.92 -0.35
C TYR A 37 -32.66 15.02 -1.56
N LEU A 38 -33.84 15.08 -2.18
CA LEU A 38 -34.14 14.36 -3.42
C LEU A 38 -34.20 15.34 -4.57
N LEU A 39 -33.41 15.07 -5.62
CA LEU A 39 -33.44 15.87 -6.84
C LEU A 39 -33.65 14.94 -8.03
N ALA A 40 -34.32 15.45 -9.05
CA ALA A 40 -34.64 14.66 -10.22
C ALA A 40 -34.96 15.59 -11.39
N ASP A 41 -34.59 15.15 -12.57
CA ASP A 41 -34.96 15.83 -13.80
C ASP A 41 -36.33 15.33 -14.24
N SER A 42 -37.30 16.23 -14.33
CA SER A 42 -38.62 15.73 -14.73
C SER A 42 -38.64 15.32 -16.19
N THR A 43 -37.60 15.65 -16.99
CA THR A 43 -37.64 15.27 -18.39
C THR A 43 -37.37 13.79 -18.55
N THR A 44 -36.56 13.22 -17.68
CA THR A 44 -36.19 11.81 -17.71
C THR A 44 -36.58 11.04 -16.47
N ARG A 45 -36.96 11.74 -15.40
CA ARG A 45 -37.33 11.15 -14.11
C ARG A 45 -36.15 10.44 -13.45
N GLU A 46 -34.93 10.76 -13.86
CA GLU A 46 -33.73 10.28 -13.19
C GLU A 46 -33.39 11.17 -12.01
N ALA A 47 -32.97 10.55 -10.90
CA ALA A 47 -32.94 11.25 -9.63
C ALA A 47 -31.67 10.90 -8.84
N VAL A 48 -31.30 11.81 -7.93
CA VAL A 48 -30.26 11.55 -6.95
C VAL A 48 -30.79 11.91 -5.56
N LEU A 49 -30.15 11.36 -4.53
CA LEU A 49 -30.60 11.50 -3.15
C LEU A 49 -29.40 11.80 -2.26
N ILE A 50 -29.41 12.96 -1.62
CA ILE A 50 -28.31 13.48 -0.84
C ILE A 50 -28.53 13.16 0.63
N ASP A 51 -27.61 12.46 1.22
CA ASP A 51 -27.60 12.14 2.65
C ASP A 51 -28.87 11.39 3.05
N PRO A 52 -29.09 10.20 2.50
CA PRO A 52 -30.23 9.39 2.92
C PRO A 52 -30.01 8.77 4.29
N VAL A 53 -31.09 8.66 5.06
CA VAL A 53 -31.04 8.15 6.43
C VAL A 53 -31.53 6.71 6.43
N PHE A 54 -30.79 5.85 7.14
CA PHE A 54 -31.07 4.41 7.21
C PHE A 54 -32.50 4.13 7.69
N GLU A 55 -32.91 4.74 8.80
CA GLU A 55 -34.27 4.52 9.31
C GLU A 55 -35.33 4.94 8.31
N GLN A 56 -35.00 5.85 7.40
CA GLN A 56 -35.94 6.46 6.47
C GLN A 56 -35.89 5.81 5.09
N VAL A 57 -35.32 4.61 5.00
CA VAL A 57 -35.13 4.01 3.69
C VAL A 57 -36.47 3.65 3.07
N ARG A 58 -37.41 3.08 3.85
CA ARG A 58 -38.69 2.70 3.26
C ARG A 58 -39.46 3.93 2.79
N ARG A 59 -39.44 5.00 3.59
CA ARG A 59 -40.10 6.23 3.20
C ARG A 59 -39.50 6.79 1.92
N ASP A 60 -38.16 6.93 1.90
CA ASP A 60 -37.50 7.53 0.74
C ASP A 60 -37.76 6.71 -0.52
N ALA A 61 -37.65 5.39 -0.42
CA ALA A 61 -37.89 4.57 -1.61
C ALA A 61 -39.36 4.65 -2.05
N ALA A 62 -40.29 4.70 -1.09
CA ALA A 62 -41.70 4.81 -1.48
C ALA A 62 -41.93 6.13 -2.20
N LEU A 63 -41.33 7.21 -1.70
CA LEU A 63 -41.49 8.50 -2.35
C LEU A 63 -40.98 8.46 -3.79
N ILE A 64 -39.81 7.85 -4.00
CA ILE A 64 -39.27 7.71 -5.35
C ILE A 64 -40.25 6.95 -6.24
N GLU A 65 -40.86 5.90 -5.71
CA GLU A 65 -41.82 5.10 -6.48
C GLU A 65 -43.05 5.93 -6.83
N GLU A 66 -43.59 6.67 -5.87
CA GLU A 66 -44.82 7.40 -6.15
C GLU A 66 -44.60 8.55 -7.12
N LEU A 67 -43.38 9.11 -7.16
CA LEU A 67 -43.07 10.14 -8.13
C LEU A 67 -42.63 9.59 -9.47
N GLY A 68 -42.61 8.27 -9.62
CA GLY A 68 -42.16 7.66 -10.87
C GLY A 68 -40.70 7.96 -11.19
N LEU A 69 -39.83 7.92 -10.19
CA LEU A 69 -38.43 8.28 -10.40
C LEU A 69 -37.53 7.05 -10.49
N HIS A 70 -36.36 7.28 -11.05
CA HIS A 70 -35.30 6.27 -11.14
C HIS A 70 -34.10 6.87 -10.43
N LEU A 71 -33.66 6.22 -9.35
CA LEU A 71 -32.63 6.78 -8.49
C LEU A 71 -31.26 6.30 -8.99
N LEU A 72 -30.49 7.21 -9.60
CA LEU A 72 -29.16 6.84 -10.08
C LEU A 72 -28.14 6.73 -8.96
N TYR A 73 -28.16 7.66 -8.02
CA TYR A 73 -27.12 7.80 -7.02
C TYR A 73 -27.69 8.20 -5.67
N THR A 74 -27.16 7.60 -4.61
CA THR A 74 -27.13 8.25 -3.31
C THR A 74 -25.79 8.95 -3.15
N ILE A 75 -25.81 10.13 -2.53
CA ILE A 75 -24.62 10.95 -2.35
C ILE A 75 -24.54 11.35 -0.89
N ASP A 76 -23.46 10.97 -0.23
CA ASP A 76 -23.22 11.36 1.15
C ASP A 76 -22.24 12.53 1.18
N THR A 77 -22.63 13.63 1.84
CA THR A 77 -21.76 14.81 1.86
C THR A 77 -20.46 14.56 2.64
N HIS A 78 -20.47 13.64 3.60
CA HIS A 78 -19.34 13.28 4.43
C HIS A 78 -19.70 12.03 5.21
N VAL A 79 -18.72 11.52 5.94
CA VAL A 79 -18.91 10.36 6.82
C VAL A 79 -19.62 10.85 8.08
N HIS A 80 -20.91 10.52 8.22
CA HIS A 80 -21.71 11.11 9.28
C HIS A 80 -21.44 10.45 10.62
N ALA A 81 -21.51 11.26 11.68
CA ALA A 81 -21.38 10.76 13.04
C ALA A 81 -22.72 10.67 13.76
N ASP A 82 -23.81 11.16 13.17
CA ASP A 82 -25.07 11.27 13.88
C ASP A 82 -26.11 10.26 13.45
N HIS A 83 -26.00 9.71 12.25
CA HIS A 83 -26.94 8.72 11.73
C HIS A 83 -26.20 7.79 10.78
N VAL A 84 -26.70 6.56 10.66
CA VAL A 84 -26.21 5.64 9.66
C VAL A 84 -26.86 5.99 8.33
N THR A 85 -26.05 6.07 7.27
CA THR A 85 -26.61 6.41 5.97
C THR A 85 -27.46 5.27 5.42
N GLY A 86 -28.38 5.62 4.54
CA GLY A 86 -29.15 4.63 3.82
C GLY A 86 -28.52 4.16 2.53
N ALA A 87 -27.31 4.62 2.22
CA ALA A 87 -26.70 4.37 0.92
C ALA A 87 -26.65 2.88 0.58
N TRP A 88 -26.27 2.04 1.55
CA TRP A 88 -26.15 0.61 1.29
C TRP A 88 -27.51 -0.05 1.18
N MET A 89 -28.43 0.28 2.09
CA MET A 89 -29.75 -0.33 2.05
C MET A 89 -30.49 0.03 0.76
N LEU A 90 -30.34 1.26 0.30
CA LEU A 90 -30.96 1.65 -0.96
C LEU A 90 -30.27 1.00 -2.14
N ASN A 91 -28.95 0.86 -2.08
CA ASN A 91 -28.24 0.13 -3.14
C ASN A 91 -28.76 -1.29 -3.28
N ARG A 92 -28.89 -1.99 -2.15
CA ARG A 92 -29.36 -3.37 -2.14
C ARG A 92 -30.79 -3.49 -2.66
N ARG A 93 -31.65 -2.52 -2.31
CA ARG A 93 -33.08 -2.66 -2.51
C ARG A 93 -33.56 -2.15 -3.87
N ILE A 94 -33.04 -1.01 -4.34
CA ILE A 94 -33.53 -0.42 -5.58
C ILE A 94 -32.41 -0.17 -6.58
N GLY A 95 -31.18 -0.60 -6.27
CA GLY A 95 -30.08 -0.58 -7.21
C GLY A 95 -29.49 0.79 -7.47
N SER A 96 -29.60 1.70 -6.50
CA SER A 96 -28.97 3.01 -6.66
C SER A 96 -27.48 2.89 -6.33
N ARG A 97 -26.68 3.73 -6.99
CA ARG A 97 -25.24 3.71 -6.80
C ARG A 97 -24.79 4.59 -5.64
N ILE A 98 -23.79 4.11 -4.90
CA ILE A 98 -23.29 4.81 -3.72
C ILE A 98 -22.18 5.76 -4.15
N ALA A 99 -22.32 7.04 -3.80
CA ALA A 99 -21.30 8.03 -4.08
C ALA A 99 -20.92 8.76 -2.80
N ILE A 100 -19.63 9.00 -2.62
CA ILE A 100 -19.09 9.68 -1.44
C ILE A 100 -17.74 10.23 -1.86
N SER A 101 -17.16 11.14 -1.08
CA SER A 101 -15.86 11.70 -1.51
C SER A 101 -14.78 10.66 -1.38
N ALA A 102 -13.80 10.74 -2.30
CA ALA A 102 -12.56 9.99 -2.12
C ALA A 102 -11.88 10.35 -0.82
N ALA A 103 -11.86 11.65 -0.48
CA ALA A 103 -11.11 12.08 0.70
C ALA A 103 -11.68 11.53 1.99
N SER A 104 -12.94 11.10 1.98
CA SER A 104 -13.57 10.60 3.21
C SER A 104 -12.96 9.29 3.64
N GLY A 105 -12.43 8.52 2.69
CA GLY A 105 -11.87 7.22 3.01
C GLY A 105 -12.84 6.09 3.25
N ALA A 106 -14.13 6.27 2.98
CA ALA A 106 -15.06 5.15 3.17
C ALA A 106 -14.89 4.09 2.09
N GLU A 107 -15.10 2.83 2.49
CA GLU A 107 -14.98 1.68 1.63
C GLU A 107 -16.38 1.20 1.23
N GLY A 108 -16.49 0.72 -0.01
CA GLY A 108 -17.70 0.07 -0.48
C GLY A 108 -18.60 0.91 -1.39
N ALA A 109 -18.14 2.08 -1.82
CA ALA A 109 -18.89 2.95 -2.70
C ALA A 109 -18.70 2.57 -4.16
N ASP A 110 -19.68 2.92 -4.99
CA ASP A 110 -19.59 2.71 -6.42
C ASP A 110 -18.88 3.84 -7.15
N ARG A 111 -18.79 5.03 -6.55
CA ARG A 111 -18.15 6.15 -7.22
C ARG A 111 -17.57 7.11 -6.20
N TYR A 112 -16.26 7.31 -6.23
CA TYR A 112 -15.61 8.25 -5.34
C TYR A 112 -15.50 9.61 -6.01
N LEU A 113 -15.84 10.65 -5.27
CA LEU A 113 -16.01 11.98 -5.83
C LEU A 113 -14.87 12.87 -5.40
N SER A 114 -14.44 13.74 -6.30
CA SER A 114 -13.41 14.72 -6.02
C SER A 114 -13.84 16.09 -6.54
N HIS A 115 -13.10 17.10 -6.10
CA HIS A 115 -13.36 18.48 -6.48
C HIS A 115 -13.53 18.62 -7.99
N GLY A 116 -14.63 19.25 -8.40
CA GLY A 116 -14.88 19.47 -9.80
C GLY A 116 -15.62 18.34 -10.49
N ASP A 117 -15.86 17.22 -9.81
CA ASP A 117 -16.64 16.17 -10.44
C ASP A 117 -18.08 16.65 -10.73
N LYS A 118 -18.67 16.07 -11.75
CA LYS A 118 -20.00 16.44 -12.23
C LYS A 118 -20.89 15.21 -12.12
N VAL A 119 -21.90 15.25 -11.23
CA VAL A 119 -22.83 14.15 -11.04
C VAL A 119 -24.08 14.43 -11.88
N GLU A 120 -24.22 13.73 -12.99
CA GLU A 120 -25.31 13.97 -13.92
C GLU A 120 -26.53 13.13 -13.56
N PHE A 121 -27.71 13.71 -13.81
CA PHE A 121 -28.95 12.96 -13.76
C PHE A 121 -29.84 13.58 -14.83
N GLY A 122 -30.01 12.87 -15.94
CA GLY A 122 -30.72 13.47 -17.06
C GLY A 122 -29.98 14.69 -17.59
N THR A 123 -30.74 15.74 -17.89
CA THR A 123 -30.16 17.00 -18.33
C THR A 123 -29.54 17.79 -17.20
N ARG A 124 -29.79 17.41 -15.96
CA ARG A 124 -29.31 18.23 -14.85
C ARG A 124 -28.03 17.63 -14.27
N TYR A 125 -27.38 18.42 -13.41
CA TYR A 125 -26.22 17.86 -12.73
C TYR A 125 -25.91 18.69 -11.52
N LEU A 126 -25.11 18.09 -10.64
CA LEU A 126 -24.45 18.76 -9.54
C LEU A 126 -22.95 18.73 -9.78
N THR A 127 -22.27 19.78 -9.35
N THR A 127 -22.29 19.78 -9.32
CA THR A 127 -20.82 19.81 -9.38
CA THR A 127 -20.85 19.92 -9.34
C THR A 127 -20.32 19.75 -7.95
C THR A 127 -20.35 19.74 -7.91
N VAL A 128 -19.23 19.00 -7.75
CA VAL A 128 -18.67 18.76 -6.43
C VAL A 128 -17.69 19.87 -6.07
N ARG A 129 -17.78 20.39 -4.85
CA ARG A 129 -16.79 21.29 -4.30
C ARG A 129 -16.29 20.73 -2.98
N ALA A 130 -14.97 20.61 -2.84
CA ALA A 130 -14.42 20.13 -1.59
C ALA A 130 -14.53 21.22 -0.53
N THR A 131 -15.16 20.89 0.60
CA THR A 131 -15.37 21.85 1.68
C THR A 131 -15.08 21.18 3.03
N PRO A 132 -13.84 20.73 3.24
CA PRO A 132 -13.51 20.03 4.50
C PRO A 132 -13.43 21.01 5.65
N GLY A 133 -13.30 20.47 6.84
CA GLY A 133 -13.23 21.29 8.02
C GLY A 133 -13.94 20.60 9.16
N HIS A 134 -15.18 20.19 8.88
CA HIS A 134 -15.95 19.34 9.78
C HIS A 134 -15.38 17.94 9.80
N THR A 135 -15.18 17.36 8.61
CA THR A 135 -14.31 16.22 8.39
C THR A 135 -13.45 16.58 7.19
N ASP A 136 -12.38 15.81 6.97
CA ASP A 136 -11.54 16.07 5.79
C ASP A 136 -12.14 15.51 4.51
N GLY A 137 -13.32 14.88 4.56
CA GLY A 137 -13.99 14.45 3.34
C GLY A 137 -15.25 15.21 3.01
N CYS A 138 -15.54 16.33 3.66
CA CYS A 138 -16.79 17.03 3.40
C CYS A 138 -16.80 17.64 2.02
N ILE A 139 -17.93 17.48 1.32
CA ILE A 139 -18.15 18.07 0.02
C ILE A 139 -19.43 18.86 0.04
N THR A 140 -19.48 19.83 -0.85
CA THR A 140 -20.65 20.65 -1.10
C THR A 140 -21.05 20.40 -2.55
N LEU A 141 -22.36 20.23 -2.77
CA LEU A 141 -22.91 19.88 -4.07
C LEU A 141 -23.63 21.10 -4.58
N VAL A 142 -23.25 21.58 -5.75
CA VAL A 142 -23.78 22.81 -6.33
C VAL A 142 -24.64 22.44 -7.54
N LEU A 143 -25.91 22.88 -7.54
CA LEU A 143 -26.75 22.63 -8.70
C LEU A 143 -26.20 23.37 -9.92
N ASP A 144 -26.41 22.78 -11.10
CA ASP A 144 -25.83 23.29 -12.35
C ASP A 144 -26.09 24.78 -12.54
N ASN A 145 -27.33 25.23 -12.32
CA ASN A 145 -27.63 26.64 -12.53
C ASN A 145 -27.28 27.51 -11.32
N GLU A 146 -26.70 26.92 -10.28
CA GLU A 146 -26.16 27.65 -9.14
C GLU A 146 -27.22 28.44 -8.40
N THR A 147 -28.48 28.00 -8.47
CA THR A 147 -29.53 28.58 -7.64
C THR A 147 -29.56 27.96 -6.25
N MET A 148 -28.98 26.76 -6.07
CA MET A 148 -28.94 26.18 -4.74
C MET A 148 -27.71 25.29 -4.60
N ALA A 149 -27.30 25.09 -3.36
CA ALA A 149 -26.19 24.19 -3.08
C ALA A 149 -26.45 23.50 -1.75
N PHE A 150 -25.83 22.34 -1.59
CA PHE A 150 -26.00 21.49 -0.43
C PHE A 150 -24.64 21.43 0.27
N THR A 151 -24.58 21.95 1.50
CA THR A 151 -23.34 22.29 2.16
C THR A 151 -22.96 21.30 3.26
N GLY A 152 -23.65 20.16 3.33
CA GLY A 152 -23.38 19.16 4.35
C GLY A 152 -23.39 19.78 5.72
N ASP A 153 -22.42 19.40 6.54
CA ASP A 153 -22.15 20.03 7.83
C ASP A 153 -21.00 21.03 7.76
N CYS A 154 -20.64 21.50 6.57
CA CYS A 154 -19.62 22.54 6.49
C CYS A 154 -20.22 23.86 6.98
N LEU A 155 -21.15 24.43 6.23
CA LEU A 155 -21.89 25.63 6.62
C LEU A 155 -23.32 25.24 7.01
N LEU A 156 -23.75 25.64 8.20
CA LEU A 156 -25.13 25.47 8.65
C LEU A 156 -25.84 26.83 8.67
N ILE A 157 -27.16 26.78 8.92
CA ILE A 157 -27.98 27.98 8.99
C ILE A 157 -27.56 28.80 10.19
N ARG A 158 -27.05 30.01 9.94
CA ARG A 158 -26.39 30.85 10.96
C ARG A 158 -25.40 30.06 11.80
N GLY A 159 -24.63 29.19 11.18
CA GLY A 159 -23.67 28.41 11.94
C GLY A 159 -22.71 27.60 11.10
N THR A 160 -22.06 26.64 11.74
CA THR A 160 -21.12 25.77 11.05
C THR A 160 -21.19 24.38 11.69
N GLY A 161 -20.58 23.42 11.02
CA GLY A 161 -20.33 22.15 11.67
C GLY A 161 -19.32 22.31 12.77
N ARG A 162 -19.36 21.38 13.72
CA ARG A 162 -18.34 21.38 14.76
C ARG A 162 -16.98 21.04 14.14
N THR A 163 -15.91 21.48 14.79
CA THR A 163 -14.59 21.17 14.25
C THR A 163 -13.76 20.35 15.22
N ASP A 164 -14.37 19.79 16.26
CA ASP A 164 -13.62 19.25 17.38
C ASP A 164 -13.48 17.73 17.40
N PHE A 165 -13.91 16.98 16.39
CA PHE A 165 -13.57 15.56 16.49
C PHE A 165 -12.83 15.08 15.26
N GLN A 166 -11.88 14.17 15.52
CA GLN A 166 -11.01 13.51 14.55
C GLN A 166 -10.42 14.54 13.59
N ARG A 167 -10.56 14.36 12.27
CA ARG A 167 -9.97 15.21 11.25
C ARG A 167 -10.56 16.63 11.19
N GLY A 168 -11.29 17.05 12.22
CA GLY A 168 -11.85 18.39 12.22
C GLY A 168 -10.77 19.46 12.38
N ASP A 169 -10.88 20.52 11.58
CA ASP A 169 -9.94 21.64 11.64
C ASP A 169 -10.65 22.96 11.33
N ALA A 170 -10.60 23.88 12.30
CA ALA A 170 -11.30 25.17 12.14
C ALA A 170 -10.68 26.01 11.03
N HIS A 171 -9.36 26.03 10.93
CA HIS A 171 -8.72 26.80 9.87
C HIS A 171 -9.17 26.31 8.49
N THR A 172 -9.10 24.99 8.28
CA THR A 172 -9.55 24.44 7.01
C THR A 172 -11.01 24.83 6.73
N MET A 173 -11.88 24.78 7.74
CA MET A 173 -13.30 25.09 7.52
C MET A 173 -13.48 26.55 7.09
N PHE A 174 -12.80 27.47 7.79
CA PHE A 174 -12.91 28.88 7.44
C PHE A 174 -12.53 29.12 5.98
N ARG A 175 -11.40 28.55 5.54
CA ARG A 175 -10.96 28.74 4.16
C ARG A 175 -11.88 28.06 3.18
N ALA A 176 -12.48 26.93 3.56
CA ALA A 176 -13.42 26.27 2.69
C ALA A 176 -14.66 27.13 2.47
N VAL A 177 -15.25 27.64 3.56
CA VAL A 177 -16.46 28.46 3.47
C VAL A 177 -16.20 29.70 2.62
N HIS A 178 -15.08 30.38 2.85
CA HIS A 178 -14.85 31.63 2.13
C HIS A 178 -14.47 31.39 0.69
N GLY A 179 -13.76 30.31 0.39
CA GLY A 179 -13.28 30.07 -0.96
C GLY A 179 -14.27 29.32 -1.83
N GLN A 180 -15.05 28.45 -1.23
CA GLN A 180 -15.92 27.61 -2.03
C GLN A 180 -17.40 27.95 -1.91
N ILE A 181 -17.84 28.52 -0.80
CA ILE A 181 -19.26 28.77 -0.58
C ILE A 181 -19.60 30.25 -0.72
N PHE A 182 -18.82 31.13 -0.07
CA PHE A 182 -19.04 32.56 -0.20
C PHE A 182 -18.71 33.08 -1.59
N THR A 183 -18.15 32.24 -2.46
CA THR A 183 -17.96 32.63 -3.85
C THR A 183 -19.13 32.25 -4.76
N LEU A 184 -20.13 31.52 -4.26
CA LEU A 184 -21.33 31.24 -5.03
C LEU A 184 -22.14 32.54 -5.20
N PRO A 185 -23.10 32.56 -6.13
CA PRO A 185 -23.93 33.78 -6.28
C PRO A 185 -24.59 34.19 -4.97
N THR A 186 -24.80 35.49 -4.81
CA THR A 186 -25.33 36.02 -3.56
C THR A 186 -26.68 35.40 -3.25
N ALA A 187 -27.51 35.21 -4.28
CA ALA A 187 -28.87 34.72 -4.09
C ALA A 187 -28.94 33.22 -3.98
N CYS A 188 -27.81 32.53 -4.12
CA CYS A 188 -27.81 31.07 -4.14
C CYS A 188 -28.23 30.51 -2.78
N LEU A 189 -29.27 29.67 -2.79
CA LEU A 189 -29.74 29.02 -1.57
C LEU A 189 -28.79 27.95 -1.08
N LEU A 190 -28.74 27.78 0.24
CA LEU A 190 -27.84 26.83 0.88
C LEU A 190 -28.63 25.91 1.78
N TYR A 191 -28.57 24.60 1.49
CA TYR A 191 -29.31 23.59 2.23
C TYR A 191 -28.36 22.75 3.05
N PRO A 192 -28.48 22.75 4.37
CA PRO A 192 -27.52 22.04 5.21
C PRO A 192 -28.00 20.63 5.52
N ALA A 193 -27.06 19.83 6.04
CA ALA A 193 -27.39 18.46 6.44
C ALA A 193 -28.14 18.39 7.77
N HIS A 194 -28.14 19.47 8.56
CA HIS A 194 -28.87 19.48 9.81
C HIS A 194 -29.39 20.88 10.08
N ASP A 195 -30.49 20.93 10.83
CA ASP A 195 -30.91 22.10 11.57
C ASP A 195 -31.67 21.61 12.80
N TYR A 196 -31.46 22.31 13.91
CA TYR A 196 -32.01 21.94 15.20
C TYR A 196 -33.02 22.94 15.76
N ARG A 197 -33.33 24.00 15.01
N ARG A 197 -33.33 24.00 15.00
CA ARG A 197 -34.28 25.02 15.44
CA ARG A 197 -34.29 25.01 15.45
C ARG A 197 -35.50 25.12 14.52
C ARG A 197 -35.47 25.15 14.49
N GLY A 198 -35.67 24.17 13.60
CA GLY A 198 -36.81 24.20 12.70
C GLY A 198 -36.61 25.07 11.49
N LEU A 199 -35.37 25.41 11.16
CA LEU A 199 -35.05 26.19 9.96
C LEU A 199 -34.76 25.25 8.79
N THR A 200 -35.06 25.72 7.56
CA THR A 200 -34.91 24.84 6.41
C THR A 200 -33.88 25.28 5.38
N VAL A 201 -33.55 26.57 5.28
CA VAL A 201 -32.65 27.03 4.22
C VAL A 201 -32.07 28.37 4.63
N THR A 202 -30.91 28.69 4.06
CA THR A 202 -30.31 30.02 4.14
C THR A 202 -29.73 30.36 2.78
N SER A 203 -28.93 31.41 2.71
CA SER A 203 -28.37 31.80 1.42
C SER A 203 -26.97 32.39 1.59
N VAL A 204 -26.25 32.48 0.46
CA VAL A 204 -24.90 33.03 0.48
C VAL A 204 -24.92 34.44 1.06
N GLY A 205 -25.84 35.28 0.60
CA GLY A 205 -25.90 36.66 1.08
C GLY A 205 -26.11 36.77 2.57
N GLU A 206 -27.06 35.98 3.13
CA GLU A 206 -27.31 36.04 4.56
C GLU A 206 -26.11 35.57 5.38
N GLU A 207 -25.53 34.42 5.02
CA GLU A 207 -24.46 33.90 5.86
C GLU A 207 -23.21 34.75 5.73
N ARG A 208 -22.88 35.18 4.51
CA ARG A 208 -21.73 36.08 4.32
C ARG A 208 -21.85 37.32 5.20
N ARG A 209 -23.05 37.82 5.41
CA ARG A 209 -23.24 39.04 6.18
C ARG A 209 -23.51 38.75 7.65
N PHE A 210 -24.32 37.72 7.96
CA PHE A 210 -24.86 37.53 9.32
C PHE A 210 -24.40 36.28 10.05
N ASN A 211 -23.59 35.42 9.43
CA ASN A 211 -23.13 34.24 10.15
C ASN A 211 -22.34 34.69 11.38
N PRO A 212 -22.70 34.22 12.57
CA PRO A 212 -22.08 34.74 13.80
C PRO A 212 -20.71 34.17 14.12
N ARG A 213 -20.24 33.15 13.39
CA ARG A 213 -18.92 32.55 13.63
C ARG A 213 -17.87 33.01 12.63
N LEU A 214 -18.23 33.13 11.35
CA LEU A 214 -17.23 33.49 10.33
C LEU A 214 -17.76 34.41 9.24
N GLY A 215 -18.92 35.04 9.44
CA GLY A 215 -19.42 36.02 8.50
C GLY A 215 -19.02 37.44 8.89
N GLY A 216 -19.62 38.39 8.19
CA GLY A 216 -19.32 39.80 8.46
C GLY A 216 -17.85 40.08 8.22
N GLU A 217 -17.21 40.73 9.18
CA GLU A 217 -15.78 41.04 9.10
C GLU A 217 -14.93 40.12 9.98
N LEU A 218 -15.49 39.01 10.44
CA LEU A 218 -14.73 38.09 11.27
C LEU A 218 -13.58 37.50 10.49
N CYS A 219 -12.43 37.40 11.13
CA CYS A 219 -11.25 36.83 10.50
C CYS A 219 -11.09 35.39 10.92
N GLU A 220 -10.10 34.75 10.30
CA GLU A 220 -9.82 33.35 10.61
C GLU A 220 -9.55 33.16 12.10
N GLU A 221 -8.87 34.14 12.72
CA GLU A 221 -8.52 33.98 14.12
C GLU A 221 -9.74 34.09 15.01
N ASP A 222 -10.67 34.98 14.65
CA ASP A 222 -11.92 35.10 15.40
C ASP A 222 -12.69 33.79 15.37
N PHE A 223 -12.77 33.18 14.19
CA PHE A 223 -13.57 31.96 14.05
C PHE A 223 -12.99 30.81 14.84
N THR A 224 -11.67 30.59 14.70
CA THR A 224 -11.02 29.48 15.40
C THR A 224 -11.15 29.64 16.90
N GLY A 225 -11.09 30.89 17.40
CA GLY A 225 -11.27 31.11 18.82
C GLY A 225 -12.67 30.77 19.28
N TYR A 226 -13.68 31.09 18.46
CA TYR A 226 -15.03 30.65 18.74
C TYR A 226 -15.09 29.13 18.83
N MET A 227 -14.60 28.44 17.80
CA MET A 227 -14.79 27.00 17.71
C MET A 227 -14.04 26.27 18.82
N THR A 228 -12.85 26.74 19.17
CA THR A 228 -12.10 26.10 20.24
C THR A 228 -12.78 26.22 21.60
N ASN A 229 -13.78 27.09 21.73
CA ASN A 229 -14.52 27.27 22.97
C ASN A 229 -15.97 26.82 22.85
N LEU A 230 -16.33 26.13 21.77
CA LEU A 230 -17.66 25.57 21.61
C LEU A 230 -17.60 24.10 22.03
N HIS A 231 -18.29 23.75 23.11
CA HIS A 231 -18.28 22.39 23.62
C HIS A 231 -19.69 21.83 23.57
N LEU A 232 -19.93 20.96 22.60
CA LEU A 232 -21.17 20.32 22.27
C LEU A 232 -21.09 18.84 22.58
N PRO A 233 -22.15 18.26 23.13
CA PRO A 233 -22.15 16.83 23.39
C PRO A 233 -22.00 16.05 22.09
N HIS A 234 -21.29 14.93 22.15
CA HIS A 234 -21.20 14.04 21.01
C HIS A 234 -22.59 13.62 20.55
N PRO A 235 -22.77 13.35 19.26
CA PRO A 235 -24.05 12.83 18.77
C PRO A 235 -24.40 11.53 19.46
N LYS A 236 -25.71 11.29 19.61
CA LYS A 236 -26.18 10.13 20.37
C LYS A 236 -25.75 8.81 19.71
N GLN A 237 -25.69 8.78 18.39
CA GLN A 237 -25.40 7.55 17.64
C GLN A 237 -23.92 7.40 17.27
N ILE A 238 -23.03 8.21 17.85
CA ILE A 238 -21.69 8.36 17.29
C ILE A 238 -20.97 7.01 17.27
N ASP A 239 -21.05 6.26 18.37
CA ASP A 239 -20.30 5.02 18.47
C ASP A 239 -20.80 3.97 17.49
N VAL A 240 -22.00 4.14 16.96
CA VAL A 240 -22.57 3.20 16.00
C VAL A 240 -22.45 3.73 14.57
N ALA A 241 -22.69 5.03 14.38
CA ALA A 241 -22.81 5.58 13.03
C ALA A 241 -21.45 5.61 12.30
N VAL A 242 -20.42 6.24 12.88
CA VAL A 242 -19.16 6.42 12.12
C VAL A 242 -18.55 5.11 11.65
N PRO A 243 -18.45 4.03 12.46
CA PRO A 243 -17.96 2.77 11.87
C PRO A 243 -18.86 2.25 10.76
N ALA A 244 -20.18 2.41 10.92
CA ALA A 244 -21.11 1.93 9.90
C ALA A 244 -20.92 2.72 8.61
N ASN A 245 -20.70 4.03 8.73
CA ASN A 245 -20.59 4.86 7.54
C ASN A 245 -19.20 4.79 6.91
N LEU A 246 -18.18 4.35 7.65
CA LEU A 246 -16.92 4.05 6.99
C LEU A 246 -17.03 2.86 6.06
N LYS A 247 -18.10 2.06 6.21
CA LYS A 247 -18.44 1.01 5.27
C LYS A 247 -19.69 1.33 4.47
N CYS A 248 -20.03 2.62 4.35
CA CYS A 248 -21.13 3.11 3.53
C CYS A 248 -22.49 2.57 3.97
N GLY A 249 -22.63 2.22 5.23
CA GLY A 249 -23.91 1.89 5.82
C GLY A 249 -24.22 0.42 5.82
N LEU A 250 -23.21 -0.44 5.88
CA LEU A 250 -23.37 -1.88 5.89
C LEU A 250 -23.94 -2.36 7.23
N ALA A 251 -24.61 -3.51 7.18
CA ALA A 251 -25.01 -4.21 8.41
C ALA A 251 -23.79 -4.41 9.32
N GLU A 260 -39.41 -5.75 7.79
CA GLU A 260 -39.35 -6.51 6.54
C GLU A 260 -40.33 -7.70 6.55
N PRO A 261 -41.64 -7.40 6.54
CA PRO A 261 -42.63 -8.48 6.59
C PRO A 261 -42.50 -9.39 5.38
N ASP A 262 -42.64 -10.69 5.65
CA ASP A 262 -42.52 -11.71 4.62
C ASP A 262 -43.66 -12.73 4.68
N TRP A 263 -44.85 -12.33 5.13
CA TRP A 263 -45.94 -13.29 5.07
C TRP A 263 -46.65 -13.21 3.74
N ALA A 264 -46.51 -12.10 3.02
CA ALA A 264 -46.95 -11.97 1.65
C ALA A 264 -46.03 -10.97 0.97
N PRO A 265 -46.08 -10.86 -0.36
CA PRO A 265 -45.36 -9.77 -1.04
C PRO A 265 -45.96 -8.42 -0.70
N LEU A 266 -45.28 -7.67 0.15
CA LEU A 266 -45.79 -6.41 0.68
C LEU A 266 -44.95 -5.23 0.22
N THR A 267 -45.60 -4.08 0.07
CA THR A 267 -44.93 -2.81 -0.15
C THR A 267 -45.55 -1.78 0.77
N CYS A 268 -44.76 -0.80 1.16
CA CYS A 268 -45.22 0.24 2.06
C CYS A 268 -45.31 1.54 1.27
N SER A 269 -46.48 2.15 1.33
CA SER A 269 -46.76 3.39 0.63
C SER A 269 -46.06 4.54 1.33
N PHE A 270 -45.92 5.64 0.60
CA PHE A 270 -45.38 6.85 1.20
C PHE A 270 -46.21 7.33 2.39
N ALA A 271 -47.54 7.16 2.36
CA ALA A 271 -48.30 7.55 3.55
C ALA A 271 -48.02 6.65 4.74
N GLY A 272 -47.37 5.51 4.54
CA GLY A 272 -47.02 4.59 5.62
C GLY A 272 -47.90 3.37 5.74
N ILE A 273 -48.75 3.11 4.74
CA ILE A 273 -49.72 2.03 4.81
C ILE A 273 -49.12 0.82 4.11
N TRP A 274 -49.19 -0.35 4.77
CA TRP A 274 -48.71 -1.60 4.20
C TRP A 274 -49.72 -2.15 3.20
N GLU A 275 -49.27 -2.39 1.97
CA GLU A 275 -50.13 -2.86 0.89
C GLU A 275 -49.75 -4.25 0.43
N ILE A 276 -50.75 -5.09 0.20
CA ILE A 276 -50.55 -6.45 -0.31
C ILE A 276 -50.63 -6.45 -1.83
N ASN A 277 -49.85 -7.34 -2.44
CA ASN A 277 -49.94 -7.61 -3.86
C ASN A 277 -51.21 -8.39 -4.17
N ALA A 278 -52.07 -7.81 -5.01
CA ALA A 278 -53.40 -8.37 -5.25
C ALA A 278 -53.35 -9.71 -5.98
N GLN A 279 -52.44 -9.84 -6.95
CA GLN A 279 -52.29 -11.11 -7.66
C GLN A 279 -51.96 -12.24 -6.70
N TRP A 280 -51.02 -11.99 -5.79
CA TRP A 280 -50.66 -13.00 -4.81
C TRP A 280 -51.83 -13.32 -3.90
N LEU A 281 -52.64 -12.30 -3.59
CA LEU A 281 -53.79 -12.51 -2.73
C LEU A 281 -54.82 -13.43 -3.39
N GLU A 282 -55.11 -13.18 -4.67
CA GLU A 282 -56.04 -14.06 -5.39
C GLU A 282 -55.51 -15.48 -5.47
N GLU A 283 -54.19 -15.66 -5.57
CA GLU A 283 -53.65 -17.02 -5.63
C GLU A 283 -53.57 -17.67 -4.26
N ASN A 284 -53.82 -16.92 -3.18
CA ASN A 284 -53.62 -17.46 -1.84
C ASN A 284 -54.71 -16.98 -0.87
N LEU A 285 -55.94 -16.82 -1.36
CA LEU A 285 -57.01 -16.34 -0.50
C LEU A 285 -57.17 -17.22 0.74
N ARG A 286 -57.00 -18.54 0.58
CA ARG A 286 -57.13 -19.41 1.75
C ARG A 286 -56.06 -19.14 2.80
N ALA A 287 -54.97 -18.47 2.44
CA ALA A 287 -53.84 -18.24 3.35
C ALA A 287 -54.02 -17.02 4.24
N VAL A 288 -55.11 -16.27 4.10
CA VAL A 288 -55.27 -15.03 4.85
C VAL A 288 -56.73 -14.90 5.29
N GLU A 289 -56.97 -14.00 6.24
CA GLU A 289 -58.31 -13.60 6.63
C GLU A 289 -58.61 -12.27 5.95
N ILE A 290 -59.76 -12.21 5.29
CA ILE A 290 -60.13 -11.05 4.48
C ILE A 290 -61.27 -10.36 5.20
N VAL A 291 -61.05 -9.11 5.60
CA VAL A 291 -61.97 -8.35 6.44
C VAL A 291 -62.51 -7.20 5.60
N ASP A 292 -63.82 -7.26 5.31
CA ASP A 292 -64.50 -6.23 4.53
C ASP A 292 -65.05 -5.20 5.50
N VAL A 293 -64.58 -3.96 5.41
CA VAL A 293 -64.99 -2.90 6.35
C VAL A 293 -66.06 -1.98 5.75
N ARG A 294 -66.77 -2.42 4.72
CA ARG A 294 -67.81 -1.57 4.17
C ARG A 294 -69.10 -1.65 5.00
N GLU A 295 -70.07 -0.82 4.63
CA GLU A 295 -71.40 -0.90 5.21
C GLU A 295 -72.10 -2.17 4.75
N PRO A 296 -73.08 -2.65 5.53
CA PRO A 296 -73.76 -3.89 5.14
C PRO A 296 -74.35 -3.83 3.73
N GLU A 297 -74.87 -2.68 3.31
CA GLU A 297 -75.43 -2.58 1.96
C GLU A 297 -74.35 -2.78 0.91
N GLU A 298 -73.17 -2.18 1.10
CA GLU A 298 -72.10 -2.37 0.11
C GLU A 298 -71.68 -3.84 0.04
N PHE A 299 -71.62 -4.51 1.19
CA PHE A 299 -71.23 -5.91 1.25
C PHE A 299 -72.21 -6.78 0.46
N ASN A 300 -73.51 -6.51 0.59
CA ASN A 300 -74.51 -7.20 -0.21
C ASN A 300 -74.88 -6.43 -1.47
N GLY A 301 -74.05 -5.47 -1.88
CA GLY A 301 -74.43 -4.55 -2.92
C GLY A 301 -73.87 -4.92 -4.28
N PRO A 302 -73.95 -3.97 -5.21
CA PRO A 302 -73.63 -4.27 -6.61
C PRO A 302 -72.16 -4.56 -6.89
N LEU A 303 -71.22 -4.21 -6.01
CA LEU A 303 -69.84 -4.52 -6.36
C LEU A 303 -69.49 -5.97 -6.07
N GLY A 304 -70.33 -6.65 -5.28
CA GLY A 304 -70.01 -7.98 -4.84
C GLY A 304 -68.96 -7.90 -3.74
N ARG A 305 -68.47 -9.07 -3.32
CA ARG A 305 -67.41 -9.15 -2.33
C ARG A 305 -66.42 -10.23 -2.72
N ILE A 306 -65.22 -10.12 -2.16
CA ILE A 306 -64.19 -11.15 -2.35
C ILE A 306 -64.62 -12.42 -1.62
N PRO A 307 -64.53 -13.58 -2.27
CA PRO A 307 -65.03 -14.81 -1.65
C PRO A 307 -64.42 -15.05 -0.27
N ALA A 308 -65.27 -15.50 0.66
CA ALA A 308 -64.89 -15.79 2.05
C ALA A 308 -64.49 -14.54 2.82
N ALA A 309 -65.07 -13.39 2.49
CA ALA A 309 -64.70 -12.16 3.17
C ALA A 309 -65.52 -11.99 4.44
N ARG A 310 -64.85 -11.60 5.52
CA ARG A 310 -65.50 -11.33 6.78
C ARG A 310 -65.97 -9.89 6.79
N LEU A 311 -67.26 -9.69 7.06
CA LEU A 311 -67.85 -8.35 7.13
C LEU A 311 -67.79 -7.84 8.57
N ILE A 312 -66.88 -6.89 8.82
CA ILE A 312 -66.88 -6.09 10.05
C ILE A 312 -66.76 -4.64 9.61
N SER A 313 -67.88 -3.93 9.55
CA SER A 313 -67.90 -2.53 9.12
C SER A 313 -66.98 -1.68 9.98
N LEU A 314 -66.40 -0.65 9.35
CA LEU A 314 -65.32 0.09 9.99
C LEU A 314 -65.75 0.65 11.33
N GLY A 315 -66.94 1.24 11.39
CA GLY A 315 -67.46 1.83 12.61
C GLY A 315 -67.67 0.80 13.70
N GLU A 316 -67.79 -0.47 13.33
CA GLU A 316 -67.87 -1.58 14.29
C GLU A 316 -66.52 -2.24 14.56
N LEU A 317 -65.49 -1.94 13.76
CA LEU A 317 -64.25 -2.74 13.80
C LEU A 317 -63.54 -2.64 15.14
N ALA A 318 -63.34 -1.43 15.63
CA ALA A 318 -62.54 -1.26 16.85
C ALA A 318 -63.09 -2.09 18.00
N GLY A 319 -64.42 -2.15 18.15
CA GLY A 319 -65.01 -2.86 19.26
C GLY A 319 -65.09 -4.37 19.11
N ARG A 320 -64.86 -4.89 17.92
CA ARG A 320 -64.98 -6.32 17.65
C ARG A 320 -63.65 -6.99 17.33
N THR A 321 -62.51 -6.39 17.72
CA THR A 321 -61.22 -6.96 17.35
C THR A 321 -60.96 -8.31 18.01
N ALA A 322 -61.80 -8.74 18.94
CA ALA A 322 -61.58 -10.03 19.59
C ALA A 322 -62.06 -11.20 18.74
N GLU A 323 -62.69 -10.94 17.60
CA GLU A 323 -63.15 -12.02 16.74
C GLU A 323 -62.10 -12.44 15.72
N LEU A 324 -60.99 -11.72 15.63
CA LEU A 324 -59.93 -12.00 14.66
C LEU A 324 -58.78 -12.67 15.39
N THR A 325 -58.14 -13.62 14.72
CA THR A 325 -57.08 -14.36 15.36
C THR A 325 -55.74 -13.87 14.83
N LYS A 326 -54.79 -13.70 15.74
CA LYS A 326 -53.45 -13.30 15.36
C LYS A 326 -52.68 -14.44 14.70
N ASP A 327 -53.24 -15.65 14.68
CA ASP A 327 -52.57 -16.78 14.06
C ASP A 327 -52.45 -16.60 12.55
N ARG A 328 -53.30 -15.77 11.98
CA ARG A 328 -53.39 -15.61 10.55
C ARG A 328 -53.36 -14.13 10.19
N PRO A 329 -52.60 -13.77 9.17
CA PRO A 329 -52.54 -12.35 8.75
C PRO A 329 -53.88 -11.89 8.22
N ILE A 330 -54.02 -10.57 8.14
CA ILE A 330 -55.31 -9.94 7.90
C ILE A 330 -55.17 -8.93 6.76
N VAL A 331 -56.03 -9.06 5.76
CA VAL A 331 -56.09 -8.10 4.67
C VAL A 331 -57.43 -7.38 4.76
N THR A 332 -57.40 -6.05 4.71
CA THR A 332 -58.62 -5.26 4.79
C THR A 332 -59.03 -4.79 3.41
N VAL A 333 -60.33 -4.82 3.14
CA VAL A 333 -60.89 -4.41 1.85
C VAL A 333 -62.02 -3.43 2.08
N SER A 334 -62.10 -2.43 1.21
CA SER A 334 -63.20 -1.47 1.21
C SER A 334 -63.52 -1.11 -0.25
N ARG A 335 -64.31 -0.05 -0.45
CA ARG A 335 -64.73 0.27 -1.81
C ARG A 335 -63.54 0.62 -2.71
N ALA A 336 -62.69 1.56 -2.28
CA ALA A 336 -61.54 2.00 -3.10
C ALA A 336 -60.24 1.99 -2.31
N GLY A 337 -60.20 1.32 -1.16
CA GLY A 337 -58.95 1.18 -0.43
C GLY A 337 -58.71 2.24 0.63
N GLY A 338 -59.59 3.22 0.74
CA GLY A 338 -59.41 4.28 1.71
C GLY A 338 -59.79 3.83 3.11
N ARG A 339 -61.07 3.51 3.32
CA ARG A 339 -61.53 3.04 4.62
C ARG A 339 -60.76 1.81 5.12
N SER A 340 -60.35 0.93 4.20
CA SER A 340 -59.59 -0.24 4.59
C SER A 340 -58.19 0.14 5.05
N ALA A 341 -57.61 1.19 4.47
CA ALA A 341 -56.33 1.66 4.98
C ALA A 341 -56.48 2.07 6.44
N GLN A 342 -57.53 2.82 6.74
CA GLN A 342 -57.78 3.22 8.12
C GLN A 342 -58.01 2.00 9.01
N ALA A 343 -58.57 0.92 8.45
CA ALA A 343 -58.73 -0.31 9.21
C ALA A 343 -57.38 -0.86 9.64
N THR A 344 -56.36 -0.76 8.78
CA THR A 344 -55.03 -1.24 9.15
C THR A 344 -54.48 -0.50 10.36
N VAL A 345 -54.70 0.82 10.41
CA VAL A 345 -54.18 1.60 11.53
C VAL A 345 -54.85 1.15 12.83
N MET A 346 -56.17 0.96 12.79
CA MET A 346 -56.90 0.50 13.97
C MET A 346 -56.43 -0.88 14.41
N LEU A 347 -56.13 -1.76 13.45
CA LEU A 347 -55.74 -3.12 13.80
C LEU A 347 -54.36 -3.13 14.42
N ARG A 348 -53.44 -2.36 13.84
CA ARG A 348 -52.11 -2.22 14.41
C ARG A 348 -52.17 -1.61 15.81
N GLN A 349 -53.05 -0.62 16.02
CA GLN A 349 -53.15 -0.04 17.35
C GLN A 349 -53.77 -0.99 18.37
N ALA A 350 -54.40 -2.08 17.93
CA ALA A 350 -54.93 -3.09 18.83
C ALA A 350 -54.00 -4.28 18.97
N GLY A 351 -52.76 -4.19 18.51
CA GLY A 351 -51.79 -5.24 18.73
C GLY A 351 -51.55 -6.17 17.56
N PHE A 352 -52.32 -6.04 16.48
CA PHE A 352 -52.15 -6.90 15.32
C PHE A 352 -50.95 -6.44 14.50
N GLU A 353 -50.11 -7.39 14.10
CA GLU A 353 -48.86 -7.10 13.39
C GLU A 353 -48.88 -7.47 11.91
N ARG A 354 -49.44 -8.64 11.56
CA ARG A 354 -49.47 -9.07 10.17
C ARG A 354 -50.79 -8.61 9.54
N VAL A 355 -50.78 -7.36 9.13
CA VAL A 355 -51.94 -6.67 8.57
C VAL A 355 -51.49 -6.00 7.28
N ALA A 356 -52.39 -5.95 6.31
CA ALA A 356 -52.08 -5.32 5.03
C ALA A 356 -53.36 -4.79 4.41
N ASN A 357 -53.20 -3.79 3.55
CA ASN A 357 -54.32 -3.14 2.89
C ASN A 357 -54.40 -3.63 1.45
N LEU A 358 -55.62 -3.77 0.93
CA LEU A 358 -55.72 -4.11 -0.49
C LEU A 358 -55.89 -2.81 -1.24
N PRO A 359 -54.85 -2.28 -1.89
CA PRO A 359 -54.98 -0.95 -2.49
C PRO A 359 -55.93 -0.98 -3.67
N GLY A 360 -56.62 0.14 -3.87
CA GLY A 360 -57.62 0.22 -4.92
C GLY A 360 -58.96 -0.44 -4.64
N GLY A 361 -59.07 -1.22 -3.57
CA GLY A 361 -60.35 -1.76 -3.13
C GLY A 361 -61.07 -2.66 -4.12
N MET A 362 -62.39 -2.81 -3.89
CA MET A 362 -63.22 -3.64 -4.75
C MET A 362 -63.21 -3.14 -6.19
N LEU A 363 -63.07 -1.83 -6.38
CA LEU A 363 -63.09 -1.28 -7.74
C LEU A 363 -61.94 -1.83 -8.57
N ARG A 364 -60.72 -1.80 -8.02
CA ARG A 364 -59.57 -2.32 -8.76
C ARG A 364 -59.63 -3.84 -8.86
N TRP A 365 -60.13 -4.50 -7.82
CA TRP A 365 -60.30 -5.95 -7.88
C TRP A 365 -61.19 -6.34 -9.06
N ARG A 366 -62.29 -5.63 -9.25
CA ARG A 366 -63.20 -5.92 -10.37
C ARG A 366 -62.56 -5.51 -11.70
N ALA A 367 -61.88 -4.37 -11.74
CA ALA A 367 -61.27 -3.90 -12.97
C ALA A 367 -60.15 -4.81 -13.45
N GLU A 368 -59.51 -5.52 -12.52
CA GLU A 368 -58.49 -6.47 -12.90
C GLU A 368 -59.05 -7.86 -13.14
N GLY A 369 -60.37 -7.98 -13.17
CA GLY A 369 -61.04 -9.21 -13.54
C GLY A 369 -60.88 -10.31 -12.52
N ARG A 370 -60.78 -9.96 -11.24
CA ARG A 370 -60.54 -10.96 -10.22
C ARG A 370 -61.86 -11.47 -9.64
N VAL A 371 -61.79 -12.57 -8.89
CA VAL A 371 -62.98 -13.29 -8.48
C VAL A 371 -63.79 -12.49 -7.47
N VAL A 372 -65.10 -12.46 -7.67
CA VAL A 372 -66.05 -11.83 -6.77
C VAL A 372 -67.27 -12.72 -6.68
N GLU A 373 -67.90 -12.75 -5.51
CA GLU A 373 -69.21 -13.35 -5.36
C GLU A 373 -70.25 -12.24 -5.25
N ASN A 374 -71.46 -12.53 -5.73
CA ASN A 374 -72.62 -11.64 -5.60
C ASN A 374 -72.46 -10.33 -6.36
N GLY A 375 -71.73 -10.32 -7.48
CA GLY A 375 -71.55 -9.11 -8.26
C GLY A 375 -72.76 -8.68 -9.05
N SER A 376 -72.50 -7.96 -10.13
CA SER A 376 -73.56 -7.45 -10.99
C SER A 376 -73.05 -7.12 -12.40
N SER B 19 19.93 1.43 26.92
CA SER B 19 20.65 2.07 25.83
C SER B 19 19.78 2.08 24.59
N HIS B 20 19.60 3.26 23.99
CA HIS B 20 18.59 3.47 22.94
C HIS B 20 19.18 3.23 21.54
N MET B 21 19.50 1.96 21.27
CA MET B 21 20.07 1.61 19.96
C MET B 21 19.09 1.95 18.84
N LEU B 22 19.62 2.04 17.63
CA LEU B 22 18.78 2.30 16.49
C LEU B 22 18.30 0.98 15.91
N ILE B 23 17.01 0.92 15.60
CA ILE B 23 16.43 -0.17 14.84
C ILE B 23 16.30 0.32 13.42
N PHE B 24 16.84 -0.45 12.49
CA PHE B 24 16.95 0.00 11.10
C PHE B 24 16.45 -1.12 10.21
N ARG B 25 15.65 -0.78 9.21
CA ARG B 25 15.19 -1.76 8.24
C ARG B 25 15.06 -1.07 6.89
N GLN B 26 15.80 -1.59 5.92
CA GLN B 26 15.70 -1.12 4.55
C GLN B 26 14.80 -2.09 3.80
N LEU B 27 13.79 -1.55 3.12
CA LEU B 27 12.86 -2.40 2.38
C LEU B 27 12.78 -1.93 0.95
N PHE B 28 12.68 -2.89 0.04
CA PHE B 28 12.78 -2.60 -1.38
C PHE B 28 11.44 -2.93 -2.01
N ASP B 29 10.93 -2.02 -2.84
CA ASP B 29 9.70 -2.26 -3.57
C ASP B 29 10.08 -2.61 -5.00
N GLN B 30 9.90 -3.89 -5.36
CA GLN B 30 10.40 -4.37 -6.64
C GLN B 30 9.78 -3.61 -7.81
N GLN B 31 8.52 -3.21 -7.69
CA GLN B 31 7.84 -2.61 -8.84
C GLN B 31 8.47 -1.27 -9.22
N SER B 32 8.71 -0.39 -8.24
CA SER B 32 9.23 0.94 -8.50
C SER B 32 10.71 1.08 -8.15
N SER B 33 11.32 0.01 -7.65
CA SER B 33 12.70 0.04 -7.17
C SER B 33 12.90 1.08 -6.07
N THR B 34 11.88 1.28 -5.23
CA THR B 34 11.94 2.23 -4.13
C THR B 34 12.47 1.58 -2.85
N TYR B 35 13.34 2.30 -2.15
CA TYR B 35 13.78 1.93 -0.80
C TYR B 35 12.96 2.69 0.24
N THR B 36 12.32 1.94 1.12
CA THR B 36 11.66 2.50 2.29
C THR B 36 12.55 2.22 3.49
N TYR B 37 12.62 3.18 4.41
CA TYR B 37 13.47 3.01 5.57
C TYR B 37 12.63 3.18 6.83
N LEU B 38 12.75 2.21 7.73
CA LEU B 38 12.10 2.21 9.04
C LEU B 38 13.17 2.46 10.09
N LEU B 39 13.00 3.49 10.91
CA LEU B 39 13.94 3.84 11.97
C LEU B 39 13.20 3.86 13.31
N ALA B 40 13.87 3.46 14.39
CA ALA B 40 13.16 3.44 15.67
C ALA B 40 14.13 3.44 16.85
N ASP B 41 13.68 4.08 17.93
CA ASP B 41 14.37 4.04 19.22
C ASP B 41 14.05 2.71 19.87
N SER B 42 15.10 1.92 20.16
CA SER B 42 14.87 0.59 20.67
C SER B 42 14.33 0.57 22.10
N THR B 43 14.50 1.65 22.86
CA THR B 43 14.00 1.64 24.23
C THR B 43 12.54 2.04 24.32
N THR B 44 12.08 2.92 23.44
CA THR B 44 10.71 3.39 23.51
C THR B 44 9.85 2.83 22.38
N ARG B 45 10.44 2.14 21.41
CA ARG B 45 9.73 1.54 20.28
C ARG B 45 9.05 2.61 19.42
N GLU B 46 9.43 3.87 19.58
CA GLU B 46 8.91 4.92 18.72
C GLU B 46 9.67 4.94 17.40
N ALA B 47 8.94 5.07 16.29
CA ALA B 47 9.50 4.83 14.97
C ALA B 47 9.00 5.88 13.98
N VAL B 48 9.78 6.05 12.91
CA VAL B 48 9.42 6.83 11.73
C VAL B 48 9.69 5.96 10.51
N LEU B 49 9.09 6.34 9.38
CA LEU B 49 9.15 5.52 8.18
C LEU B 49 9.36 6.44 7.00
N ILE B 50 10.47 6.29 6.28
CA ILE B 50 10.84 7.18 5.20
C ILE B 50 10.39 6.61 3.86
N ASP B 51 9.65 7.39 3.10
CA ASP B 51 9.22 7.04 1.75
C ASP B 51 8.48 5.70 1.71
N PRO B 52 7.34 5.57 2.42
CA PRO B 52 6.55 4.33 2.32
C PRO B 52 5.84 4.26 0.98
N VAL B 53 5.70 3.04 0.49
CA VAL B 53 5.09 2.77 -0.81
C VAL B 53 3.68 2.24 -0.59
N PHE B 54 2.71 2.84 -1.30
CA PHE B 54 1.30 2.54 -1.12
C PHE B 54 1.02 1.04 -1.23
N GLU B 55 1.55 0.42 -2.29
CA GLU B 55 1.42 -1.02 -2.48
C GLU B 55 1.99 -1.82 -1.32
N GLN B 56 2.89 -1.24 -0.54
CA GLN B 56 3.53 -1.97 0.54
C GLN B 56 2.97 -1.62 1.91
N VAL B 57 1.81 -0.97 1.95
CA VAL B 57 1.29 -0.46 3.22
C VAL B 57 1.03 -1.61 4.19
N ARG B 58 0.45 -2.70 3.69
CA ARG B 58 0.19 -3.86 4.54
C ARG B 58 1.48 -4.50 5.02
N ARG B 59 2.49 -4.60 4.15
CA ARG B 59 3.78 -5.13 4.56
C ARG B 59 4.42 -4.27 5.64
N ASP B 60 4.49 -2.96 5.40
CA ASP B 60 5.12 -2.09 6.36
C ASP B 60 4.37 -2.11 7.68
N ALA B 61 3.03 -2.12 7.62
CA ALA B 61 2.23 -2.20 8.84
C ALA B 61 2.44 -3.53 9.56
N ALA B 62 2.56 -4.63 8.81
CA ALA B 62 2.84 -5.89 9.47
C ALA B 62 4.22 -5.86 10.14
N LEU B 63 5.23 -5.29 9.49
CA LEU B 63 6.56 -5.25 10.08
C LEU B 63 6.58 -4.40 11.35
N ILE B 64 5.96 -3.22 11.31
CA ILE B 64 5.84 -2.37 12.49
C ILE B 64 5.16 -3.14 13.63
N GLU B 65 4.11 -3.88 13.33
CA GLU B 65 3.45 -4.65 14.38
C GLU B 65 4.35 -5.77 14.89
N GLU B 66 4.96 -6.54 13.98
CA GLU B 66 5.74 -7.68 14.43
C GLU B 66 6.97 -7.26 15.22
N LEU B 67 7.49 -6.06 14.98
CA LEU B 67 8.57 -5.52 15.81
C LEU B 67 8.05 -4.80 17.06
N GLY B 68 6.74 -4.68 17.22
CA GLY B 68 6.18 -3.98 18.37
C GLY B 68 6.53 -2.51 18.45
N LEU B 69 6.50 -1.81 17.33
CA LEU B 69 6.85 -0.41 17.27
C LEU B 69 5.59 0.45 17.19
N HIS B 70 5.78 1.74 17.45
CA HIS B 70 4.70 2.73 17.34
C HIS B 70 5.13 3.78 16.33
N LEU B 71 4.39 3.90 15.23
CA LEU B 71 4.82 4.73 14.10
C LEU B 71 4.38 6.16 14.35
N LEU B 72 5.35 7.05 14.65
CA LEU B 72 5.00 8.44 14.88
C LEU B 72 4.76 9.19 13.57
N TYR B 73 5.56 8.93 12.55
CA TYR B 73 5.56 9.74 11.33
C TYR B 73 5.91 8.89 10.11
N THR B 74 5.27 9.18 9.01
CA THR B 74 5.85 8.88 7.72
C THR B 74 6.50 10.17 7.24
N ILE B 75 7.62 10.04 6.54
CA ILE B 75 8.34 11.20 6.03
C ILE B 75 8.61 10.96 4.57
N ASP B 76 8.11 11.84 3.72
CA ASP B 76 8.40 11.75 2.30
C ASP B 76 9.55 12.70 1.93
N THR B 77 10.61 12.14 1.32
CA THR B 77 11.78 12.93 0.94
C THR B 77 11.43 13.92 -0.14
N HIS B 78 10.41 13.63 -0.95
CA HIS B 78 9.93 14.53 -2.00
C HIS B 78 8.60 14.02 -2.52
N VAL B 79 8.00 14.77 -3.45
CA VAL B 79 6.79 14.32 -4.15
C VAL B 79 7.24 13.35 -5.24
N HIS B 80 7.01 12.06 -5.02
CA HIS B 80 7.54 11.02 -5.89
C HIS B 80 6.77 10.93 -7.21
N ALA B 81 7.49 10.57 -8.26
CA ALA B 81 6.91 10.39 -9.58
C ALA B 81 6.74 8.93 -9.97
N ASP B 82 7.25 8.01 -9.18
CA ASP B 82 7.33 6.62 -9.59
C ASP B 82 6.39 5.72 -8.82
N HIS B 83 5.95 6.15 -7.64
CA HIS B 83 5.04 5.39 -6.80
C HIS B 83 4.20 6.37 -6.01
N VAL B 84 2.97 5.94 -5.66
CA VAL B 84 2.14 6.69 -4.73
C VAL B 84 2.65 6.43 -3.32
N THR B 85 2.77 7.48 -2.51
CA THR B 85 3.20 7.27 -1.14
C THR B 85 2.13 6.54 -0.35
N GLY B 86 2.57 5.84 0.69
CA GLY B 86 1.68 5.19 1.63
C GLY B 86 1.28 6.07 2.78
N ALA B 87 1.70 7.34 2.75
CA ALA B 87 1.51 8.24 3.88
C ALA B 87 0.02 8.37 4.27
N TRP B 88 -0.86 8.56 3.30
CA TRP B 88 -2.29 8.73 3.61
C TRP B 88 -2.90 7.43 4.15
N MET B 89 -2.61 6.32 3.48
CA MET B 89 -3.16 5.03 3.90
C MET B 89 -2.64 4.60 5.27
N LEU B 90 -1.38 4.90 5.58
CA LEU B 90 -0.88 4.55 6.91
C LEU B 90 -1.46 5.46 7.99
N ASN B 91 -1.66 6.72 7.69
CA ASN B 91 -2.35 7.57 8.65
C ASN B 91 -3.77 7.03 8.94
N ARG B 92 -4.48 6.56 7.89
CA ARG B 92 -5.80 5.98 8.11
C ARG B 92 -5.75 4.70 8.94
N ARG B 93 -4.76 3.85 8.68
CA ARG B 93 -4.81 2.48 9.20
C ARG B 93 -4.22 2.36 10.59
N ILE B 94 -3.14 3.09 10.88
CA ILE B 94 -2.46 2.95 12.14
C ILE B 94 -2.20 4.29 12.84
N GLY B 95 -2.66 5.39 12.27
CA GLY B 95 -2.60 6.68 12.94
C GLY B 95 -1.25 7.37 12.96
N SER B 96 -0.42 7.16 11.95
CA SER B 96 0.82 7.91 11.86
C SER B 96 0.56 9.30 11.28
N ARG B 97 1.40 10.26 11.68
CA ARG B 97 1.31 11.62 11.16
C ARG B 97 2.11 11.77 9.87
N ILE B 98 1.59 12.56 8.94
CA ILE B 98 2.19 12.73 7.62
C ILE B 98 3.13 13.92 7.62
N ALA B 99 4.38 13.69 7.22
CA ALA B 99 5.38 14.75 7.13
C ALA B 99 5.98 14.80 5.72
N ILE B 100 6.19 16.02 5.22
CA ILE B 100 6.78 16.27 3.92
C ILE B 100 7.27 17.71 3.95
N SER B 101 8.10 18.11 3.00
CA SER B 101 8.64 19.46 3.05
C SER B 101 7.58 20.51 2.71
N ALA B 102 7.70 21.67 3.34
CA ALA B 102 6.91 22.81 2.89
C ALA B 102 7.16 23.09 1.42
N ALA B 103 8.42 22.96 0.98
CA ALA B 103 8.78 23.31 -0.40
C ALA B 103 8.16 22.38 -1.42
N SER B 104 7.69 21.20 -1.00
CA SER B 104 7.07 20.28 -1.96
C SER B 104 5.76 20.82 -2.52
N GLY B 105 5.03 21.62 -1.75
CA GLY B 105 3.71 22.07 -2.16
C GLY B 105 2.61 21.03 -2.04
N ALA B 106 2.90 19.87 -1.48
CA ALA B 106 1.85 18.88 -1.30
C ALA B 106 0.87 19.35 -0.24
N GLU B 107 -0.38 18.95 -0.40
CA GLU B 107 -1.44 19.32 0.53
C GLU B 107 -1.84 18.11 1.37
N GLY B 108 -2.18 18.36 2.62
CA GLY B 108 -2.76 17.35 3.46
C GLY B 108 -1.90 16.71 4.51
N ALA B 109 -0.69 17.22 4.76
CA ALA B 109 0.18 16.64 5.77
C ALA B 109 -0.14 17.21 7.16
N ASP B 110 0.32 16.49 8.19
CA ASP B 110 0.23 16.99 9.56
C ASP B 110 1.42 17.88 9.92
N ARG B 111 2.51 17.84 9.15
CA ARG B 111 3.68 18.65 9.50
C ARG B 111 4.51 18.92 8.25
N TYR B 112 4.74 20.18 7.95
CA TYR B 112 5.59 20.57 6.83
C TYR B 112 7.00 20.85 7.34
N LEU B 113 8.00 20.35 6.61
CA LEU B 113 9.38 20.40 7.08
C LEU B 113 10.13 21.48 6.32
N SER B 114 11.01 22.17 7.03
CA SER B 114 11.89 23.16 6.46
C SER B 114 13.31 22.90 6.93
N HIS B 115 14.26 23.52 6.22
CA HIS B 115 15.68 23.35 6.52
C HIS B 115 15.98 23.56 8.00
N GLY B 116 16.62 22.58 8.62
CA GLY B 116 16.96 22.65 10.03
C GLY B 116 15.94 22.04 10.99
N ASP B 117 14.77 21.59 10.51
CA ASP B 117 13.80 20.98 11.40
C ASP B 117 14.33 19.69 12.02
N LYS B 118 13.81 19.36 13.19
CA LYS B 118 14.22 18.17 13.91
C LYS B 118 13.03 17.25 14.13
N VAL B 119 13.07 16.06 13.53
CA VAL B 119 12.01 15.06 13.65
C VAL B 119 12.45 14.03 14.70
N GLU B 120 11.85 14.09 15.89
CA GLU B 120 12.22 13.22 16.99
C GLU B 120 11.44 11.91 16.98
N PHE B 121 12.09 10.89 17.50
CA PHE B 121 11.41 9.64 17.85
C PHE B 121 12.16 9.08 19.04
N GLY B 122 11.53 9.17 20.22
CA GLY B 122 12.23 8.86 21.45
C GLY B 122 13.36 9.84 21.66
N THR B 123 14.50 9.33 22.15
CA THR B 123 15.68 10.17 22.34
C THR B 123 16.43 10.45 21.05
N ARG B 124 16.07 9.81 19.95
CA ARG B 124 16.79 9.95 18.69
C ARG B 124 16.11 11.01 17.84
N TYR B 125 16.77 11.40 16.75
CA TYR B 125 16.16 12.34 15.82
C TYR B 125 16.90 12.36 14.49
N LEU B 126 16.21 12.88 13.48
CA LEU B 126 16.73 13.24 12.18
C LEU B 126 16.68 14.75 12.01
N THR B 127 17.67 15.29 11.30
CA THR B 127 17.66 16.71 10.97
C THR B 127 17.41 16.87 9.48
N VAL B 128 16.65 17.91 9.11
CA VAL B 128 16.26 18.12 7.72
C VAL B 128 17.24 19.08 7.07
N ARG B 129 17.69 18.71 5.88
CA ARG B 129 18.48 19.57 5.02
C ARG B 129 17.76 19.70 3.70
N ALA B 130 17.57 20.94 3.26
CA ALA B 130 16.98 21.17 1.97
C ALA B 130 17.99 20.77 0.91
N THR B 131 17.61 19.84 0.05
CA THR B 131 18.51 19.35 -1.00
C THR B 131 17.77 19.27 -2.33
N PRO B 132 17.27 20.39 -2.82
CA PRO B 132 16.49 20.38 -4.06
C PRO B 132 17.37 20.18 -5.29
N GLY B 133 16.69 19.99 -6.43
CA GLY B 133 17.39 19.76 -7.68
C GLY B 133 16.65 18.73 -8.48
N HIS B 134 16.35 17.59 -7.85
CA HIS B 134 15.47 16.60 -8.44
C HIS B 134 14.02 17.11 -8.52
N THR B 135 13.50 17.65 -7.40
CA THR B 135 12.32 18.50 -7.36
C THR B 135 12.64 19.71 -6.49
N ASP B 136 11.69 20.64 -6.42
CA ASP B 136 11.88 21.78 -5.53
C ASP B 136 11.64 21.44 -4.08
N GLY B 137 11.14 20.24 -3.77
CA GLY B 137 10.88 19.88 -2.39
C GLY B 137 11.75 18.78 -1.81
N CYS B 138 12.82 18.37 -2.49
CA CYS B 138 13.65 17.28 -2.01
C CYS B 138 14.35 17.67 -0.72
N ILE B 139 14.36 16.76 0.25
CA ILE B 139 15.06 16.98 1.51
C ILE B 139 15.97 15.80 1.77
N THR B 140 16.94 16.03 2.64
CA THR B 140 17.80 14.96 3.11
C THR B 140 17.67 14.86 4.61
N LEU B 141 17.58 13.64 5.11
CA LEU B 141 17.36 13.40 6.53
C LEU B 141 18.66 12.83 7.10
N VAL B 142 19.23 13.55 8.06
CA VAL B 142 20.53 13.24 8.65
C VAL B 142 20.31 12.79 10.09
N LEU B 143 20.75 11.58 10.40
CA LEU B 143 20.65 11.05 11.76
C LEU B 143 21.46 11.91 12.73
N ASP B 144 21.03 11.92 14.00
CA ASP B 144 21.64 12.78 15.00
C ASP B 144 23.16 12.58 15.10
N ASN B 145 23.60 11.34 15.13
CA ASN B 145 25.03 11.12 15.29
C ASN B 145 25.81 11.21 13.97
N GLU B 146 25.15 11.52 12.86
CA GLU B 146 25.76 11.78 11.57
C GLU B 146 26.51 10.56 11.01
N THR B 147 26.15 9.35 11.44
CA THR B 147 26.68 8.14 10.82
C THR B 147 25.90 7.74 9.58
N MET B 148 24.70 8.27 9.37
CA MET B 148 23.97 7.95 8.16
C MET B 148 23.02 9.09 7.80
N ALA B 149 22.68 9.16 6.52
CA ALA B 149 21.75 10.15 6.03
C ALA B 149 20.93 9.53 4.92
N PHE B 150 19.74 10.08 4.71
CA PHE B 150 18.82 9.59 3.69
C PHE B 150 18.64 10.70 2.67
N THR B 151 19.06 10.44 1.43
CA THR B 151 19.23 11.47 0.42
C THR B 151 18.13 11.50 -0.63
N GLY B 152 17.05 10.71 -0.45
CA GLY B 152 15.94 10.72 -1.41
C GLY B 152 16.43 10.43 -2.82
N ASP B 153 15.93 11.21 -3.77
CA ASP B 153 16.43 11.14 -5.14
C ASP B 153 17.42 12.25 -5.47
N CYS B 154 18.02 12.89 -4.47
CA CYS B 154 19.05 13.88 -4.76
C CYS B 154 20.35 13.20 -5.19
N LEU B 155 21.01 12.52 -4.27
CA LEU B 155 22.22 11.75 -4.56
C LEU B 155 21.88 10.27 -4.55
N LEU B 156 22.21 9.57 -5.62
CA LEU B 156 22.09 8.12 -5.62
C LEU B 156 23.47 7.46 -5.60
N ILE B 157 23.45 6.14 -5.43
CA ILE B 157 24.67 5.34 -5.36
C ILE B 157 25.35 5.42 -6.72
N ARG B 158 26.54 6.04 -6.76
CA ARG B 158 27.24 6.35 -8.01
C ARG B 158 26.32 7.02 -9.02
N GLY B 159 25.49 7.94 -8.57
CA GLY B 159 24.59 8.64 -9.47
C GLY B 159 23.84 9.77 -8.82
N THR B 160 22.78 10.21 -9.51
CA THR B 160 21.84 11.22 -9.03
C THR B 160 20.44 10.92 -9.55
N GLY B 161 19.45 11.59 -8.94
CA GLY B 161 18.12 11.61 -9.51
C GLY B 161 18.11 12.40 -10.80
N ARG B 162 17.11 12.13 -11.64
CA ARG B 162 17.04 12.85 -12.91
C ARG B 162 16.74 14.33 -12.67
N THR B 163 17.05 15.17 -13.66
CA THR B 163 16.80 16.60 -13.57
C THR B 163 15.88 17.11 -14.66
N ASP B 164 15.19 16.21 -15.37
CA ASP B 164 14.44 16.57 -16.56
C ASP B 164 12.94 16.70 -16.31
N PHE B 165 12.51 16.63 -15.04
CA PHE B 165 11.10 16.82 -14.69
C PHE B 165 10.84 18.23 -14.23
N GLN B 166 9.58 18.61 -14.33
CA GLN B 166 9.05 19.90 -13.93
C GLN B 166 9.76 20.42 -12.69
N ARG B 167 10.35 21.60 -12.82
CA ARG B 167 11.18 22.29 -11.82
C ARG B 167 12.49 21.58 -11.49
N GLY B 168 12.84 20.53 -12.23
CA GLY B 168 14.12 19.87 -12.02
C GLY B 168 15.24 20.75 -12.53
N ASP B 169 16.31 20.88 -11.76
CA ASP B 169 17.41 21.76 -12.14
C ASP B 169 18.74 21.13 -11.74
N ALA B 170 19.61 20.91 -12.74
CA ALA B 170 20.91 20.28 -12.49
C ALA B 170 21.84 21.20 -11.71
N HIS B 171 21.79 22.50 -11.98
CA HIS B 171 22.61 23.46 -11.22
C HIS B 171 22.26 23.40 -9.74
N THR B 172 20.97 23.50 -9.43
CA THR B 172 20.54 23.38 -8.04
C THR B 172 21.00 22.06 -7.44
N MET B 173 20.91 20.99 -8.20
CA MET B 173 21.30 19.68 -7.67
C MET B 173 22.78 19.65 -7.32
N PHE B 174 23.63 20.16 -8.23
CA PHE B 174 25.07 20.19 -7.98
C PHE B 174 25.39 20.98 -6.72
N ARG B 175 24.80 22.17 -6.60
CA ARG B 175 25.03 23.00 -5.43
C ARG B 175 24.46 22.38 -4.15
N ALA B 176 23.32 21.68 -4.23
CA ALA B 176 22.82 21.01 -3.03
C ALA B 176 23.76 19.90 -2.60
N VAL B 177 24.17 19.03 -3.54
CA VAL B 177 25.06 17.92 -3.21
C VAL B 177 26.39 18.42 -2.63
N HIS B 178 26.96 19.48 -3.20
CA HIS B 178 28.21 19.94 -2.62
C HIS B 178 27.99 20.70 -1.32
N GLY B 179 26.87 21.40 -1.17
CA GLY B 179 26.68 22.22 0.02
C GLY B 179 26.15 21.48 1.22
N GLN B 180 25.37 20.44 1.02
CA GLN B 180 24.64 19.77 2.10
C GLN B 180 25.05 18.35 2.35
N ILE B 181 25.49 17.62 1.33
CA ILE B 181 25.77 16.19 1.43
C ILE B 181 27.26 15.90 1.51
N PHE B 182 28.07 16.49 0.60
CA PHE B 182 29.53 16.31 0.67
C PHE B 182 30.17 17.04 1.84
N THR B 183 29.44 17.86 2.55
CA THR B 183 29.94 18.47 3.77
C THR B 183 29.70 17.60 5.00
N LEU B 184 28.91 16.52 4.87
CA LEU B 184 28.74 15.55 5.95
C LEU B 184 30.05 14.78 6.18
N PRO B 185 30.20 14.10 7.32
CA PRO B 185 31.44 13.33 7.55
C PRO B 185 31.69 12.30 6.45
N THR B 186 32.98 12.06 6.20
CA THR B 186 33.43 11.20 5.12
C THR B 186 32.90 9.78 5.24
N ALA B 187 32.81 9.27 6.47
CA ALA B 187 32.37 7.91 6.67
C ALA B 187 30.85 7.78 6.77
N CYS B 188 30.11 8.90 6.74
CA CYS B 188 28.66 8.86 6.93
C CYS B 188 27.99 8.12 5.78
N LEU B 189 27.22 7.09 6.12
CA LEU B 189 26.53 6.31 5.11
C LEU B 189 25.39 7.10 4.49
N LEU B 190 25.17 6.84 3.20
CA LEU B 190 24.16 7.54 2.42
C LEU B 190 23.25 6.49 1.81
N TYR B 191 21.97 6.55 2.18
CA TYR B 191 20.94 5.61 1.74
C TYR B 191 19.99 6.31 0.79
N PRO B 192 19.83 5.83 -0.44
CA PRO B 192 19.00 6.53 -1.43
C PRO B 192 17.55 6.06 -1.45
N ALA B 193 16.72 6.81 -2.18
CA ALA B 193 15.32 6.44 -2.34
C ALA B 193 15.08 5.37 -3.41
N HIS B 194 16.07 5.13 -4.27
CA HIS B 194 15.98 4.14 -5.33
C HIS B 194 17.36 3.55 -5.59
N ASP B 195 17.37 2.34 -6.14
CA ASP B 195 18.52 1.79 -6.85
C ASP B 195 17.99 0.82 -7.89
N TYR B 196 18.61 0.83 -9.06
CA TYR B 196 18.16 0.01 -10.18
C TYR B 196 19.13 -1.12 -10.50
N ARG B 197 20.14 -1.34 -9.64
CA ARG B 197 21.16 -2.35 -9.95
C ARG B 197 21.49 -3.22 -8.74
N GLY B 198 20.65 -3.21 -7.70
CA GLY B 198 20.86 -4.11 -6.57
C GLY B 198 21.84 -3.63 -5.52
N LEU B 199 22.19 -2.34 -5.51
CA LEU B 199 23.04 -1.73 -4.50
C LEU B 199 22.18 -1.16 -3.38
N THR B 200 22.73 -1.15 -2.16
CA THR B 200 21.94 -0.77 -0.98
C THR B 200 22.41 0.47 -0.23
N VAL B 201 23.68 0.86 -0.35
CA VAL B 201 24.20 1.97 0.42
C VAL B 201 25.49 2.47 -0.26
N THR B 202 25.80 3.73 -0.02
CA THR B 202 27.08 4.33 -0.40
C THR B 202 27.52 5.21 0.78
N SER B 203 28.52 6.06 0.56
CA SER B 203 28.99 6.93 1.64
C SER B 203 29.44 8.26 1.06
N VAL B 204 29.58 9.25 1.93
CA VAL B 204 30.08 10.56 1.51
C VAL B 204 31.47 10.42 0.88
N GLY B 205 32.37 9.69 1.56
CA GLY B 205 33.75 9.59 1.05
C GLY B 205 33.83 9.00 -0.35
N GLU B 206 33.10 7.90 -0.60
CA GLU B 206 33.17 7.28 -1.92
C GLU B 206 32.53 8.16 -2.99
N GLU B 207 31.40 8.82 -2.68
CA GLU B 207 30.72 9.62 -3.70
C GLU B 207 31.51 10.89 -4.05
N ARG B 208 32.09 11.56 -3.05
CA ARG B 208 32.97 12.70 -3.33
C ARG B 208 34.06 12.32 -4.34
N ARG B 209 34.56 11.09 -4.26
CA ARG B 209 35.66 10.70 -5.12
C ARG B 209 35.20 10.00 -6.39
N PHE B 210 34.23 9.10 -6.31
CA PHE B 210 33.95 8.24 -7.44
C PHE B 210 32.61 8.49 -8.13
N ASN B 211 31.80 9.43 -7.68
CA ASN B 211 30.54 9.69 -8.36
C ASN B 211 30.83 10.13 -9.80
N PRO B 212 30.29 9.44 -10.81
CA PRO B 212 30.69 9.73 -12.19
C PRO B 212 30.02 10.95 -12.79
N ARG B 213 29.07 11.57 -12.10
CA ARG B 213 28.37 12.75 -12.60
C ARG B 213 28.88 14.03 -11.97
N LEU B 214 29.15 14.04 -10.67
CA LEU B 214 29.57 15.29 -10.05
C LEU B 214 30.60 15.07 -8.94
N GLY B 215 31.23 13.90 -8.87
CA GLY B 215 32.33 13.65 -7.97
C GLY B 215 33.69 13.92 -8.61
N GLY B 216 34.74 13.44 -7.95
CA GLY B 216 36.09 13.62 -8.49
C GLY B 216 36.37 15.10 -8.64
N GLU B 217 36.83 15.49 -9.83
CA GLU B 217 37.11 16.90 -10.11
C GLU B 217 36.10 17.54 -11.06
N LEU B 218 34.97 16.89 -11.27
CA LEU B 218 33.93 17.43 -12.15
C LEU B 218 33.37 18.73 -11.60
N CYS B 219 33.20 19.69 -12.48
CA CYS B 219 32.63 20.98 -12.14
C CYS B 219 31.16 21.05 -12.52
N GLU B 220 30.51 22.14 -12.12
CA GLU B 220 29.07 22.29 -12.32
C GLU B 220 28.69 22.14 -13.79
N GLU B 221 29.49 22.69 -14.69
CA GLU B 221 29.14 22.62 -16.11
C GLU B 221 29.31 21.21 -16.64
N ASP B 222 30.30 20.46 -16.13
CA ASP B 222 30.44 19.06 -16.57
C ASP B 222 29.19 18.27 -16.20
N PHE B 223 28.65 18.51 -15.00
CA PHE B 223 27.48 17.78 -14.54
C PHE B 223 26.24 18.16 -15.35
N THR B 224 26.01 19.46 -15.58
CA THR B 224 24.81 19.85 -16.34
C THR B 224 24.84 19.27 -17.74
N GLY B 225 26.01 19.24 -18.37
CA GLY B 225 26.12 18.63 -19.68
C GLY B 225 25.86 17.14 -19.66
N TYR B 226 26.29 16.46 -18.61
CA TYR B 226 25.94 15.07 -18.42
C TYR B 226 24.43 14.90 -18.37
N MET B 227 23.75 15.72 -17.55
CA MET B 227 22.33 15.53 -17.28
C MET B 227 21.48 15.86 -18.51
N THR B 228 21.82 16.93 -19.24
CA THR B 228 21.07 17.26 -20.45
C THR B 228 21.18 16.18 -21.52
N ASN B 229 22.09 15.21 -21.37
CA ASN B 229 22.24 14.14 -22.32
C ASN B 229 21.89 12.78 -21.72
N LEU B 230 21.30 12.77 -20.53
CA LEU B 230 20.91 11.53 -19.88
C LEU B 230 19.48 11.22 -20.27
N HIS B 231 19.27 10.02 -20.82
CA HIS B 231 17.95 9.55 -21.26
C HIS B 231 17.57 8.33 -20.42
N LEU B 232 16.63 8.51 -19.48
CA LEU B 232 16.20 7.44 -18.60
C LEU B 232 14.75 7.09 -18.85
N PRO B 233 14.39 5.81 -18.77
CA PRO B 233 12.97 5.45 -18.97
C PRO B 233 12.09 6.13 -17.93
N HIS B 234 10.91 6.57 -18.39
CA HIS B 234 9.92 7.18 -17.50
C HIS B 234 9.43 6.17 -16.45
N PRO B 235 9.11 6.62 -15.25
CA PRO B 235 8.46 5.73 -14.29
C PRO B 235 7.10 5.27 -14.82
N LYS B 236 6.76 4.02 -14.52
CA LYS B 236 5.53 3.47 -15.06
C LYS B 236 4.30 4.18 -14.50
N GLN B 237 4.35 4.55 -13.22
CA GLN B 237 3.20 5.08 -12.50
C GLN B 237 3.12 6.60 -12.58
N ILE B 238 3.88 7.22 -13.50
CA ILE B 238 4.04 8.67 -13.46
C ILE B 238 2.69 9.38 -13.55
N ASP B 239 1.81 8.92 -14.43
CA ASP B 239 0.56 9.64 -14.65
C ASP B 239 -0.30 9.66 -13.39
N VAL B 240 -0.10 8.71 -12.49
CA VAL B 240 -0.94 8.55 -11.31
C VAL B 240 -0.24 9.10 -10.07
N ALA B 241 1.08 8.95 -10.01
CA ALA B 241 1.83 9.20 -8.77
C ALA B 241 1.80 10.67 -8.38
N VAL B 242 2.16 11.56 -9.32
CA VAL B 242 2.31 12.97 -8.97
C VAL B 242 1.01 13.59 -8.47
N PRO B 243 -0.16 13.39 -9.12
CA PRO B 243 -1.42 13.89 -8.52
C PRO B 243 -1.74 13.26 -7.18
N ALA B 244 -1.50 11.95 -7.03
CA ALA B 244 -1.83 11.32 -5.76
C ALA B 244 -0.95 11.87 -4.64
N ASN B 245 0.35 12.07 -4.93
CA ASN B 245 1.28 12.49 -3.90
C ASN B 245 1.20 13.98 -3.61
N LEU B 246 0.69 14.76 -4.56
CA LEU B 246 0.29 16.14 -4.23
C LEU B 246 -0.83 16.20 -3.20
N LYS B 247 -1.50 15.07 -2.95
CA LYS B 247 -2.42 14.92 -1.84
C LYS B 247 -1.91 13.90 -0.81
N CYS B 248 -0.59 13.71 -0.72
CA CYS B 248 0.01 12.85 0.31
C CYS B 248 -0.46 11.40 0.19
N GLY B 249 -0.82 10.97 -1.02
CA GLY B 249 -1.11 9.59 -1.32
C GLY B 249 -2.58 9.18 -1.34
N LEU B 250 -3.49 10.11 -1.65
CA LEU B 250 -4.92 9.79 -1.72
C LEU B 250 -5.24 8.97 -2.96
N ALA B 251 -5.50 7.68 -2.78
CA ALA B 251 -5.88 6.82 -3.91
C ALA B 251 -6.67 5.63 -3.39
N ALA B 252 -7.46 5.03 -4.29
CA ALA B 252 -8.29 3.87 -3.96
C ALA B 252 -7.56 2.57 -4.28
N PRO B 261 -9.77 -8.19 -0.03
CA PRO B 261 -10.18 -8.80 1.24
C PRO B 261 -11.32 -8.06 1.93
N ASP B 262 -12.58 -8.50 1.68
CA ASP B 262 -13.72 -7.91 2.37
C ASP B 262 -14.79 -8.94 2.73
N TRP B 263 -14.44 -10.23 2.83
CA TRP B 263 -15.39 -11.24 3.28
C TRP B 263 -15.26 -11.59 4.75
N ALA B 264 -14.11 -11.35 5.37
CA ALA B 264 -13.97 -11.49 6.81
C ALA B 264 -12.96 -10.46 7.27
N PRO B 265 -12.86 -10.21 8.58
CA PRO B 265 -11.76 -9.37 9.07
C PRO B 265 -10.42 -10.05 8.83
N LEU B 266 -9.67 -9.57 7.86
CA LEU B 266 -8.42 -10.22 7.48
C LEU B 266 -7.23 -9.28 7.70
N THR B 267 -6.09 -9.90 8.05
CA THR B 267 -4.82 -9.20 8.17
C THR B 267 -3.75 -10.02 7.47
N CYS B 268 -2.77 -9.34 6.92
CA CYS B 268 -1.70 -10.03 6.20
C CYS B 268 -0.44 -9.94 7.05
N SER B 269 0.21 -11.09 7.29
CA SER B 269 1.47 -11.13 8.04
C SER B 269 2.63 -10.60 7.21
N PHE B 270 3.71 -10.23 7.89
CA PHE B 270 4.92 -9.77 7.19
C PHE B 270 5.40 -10.82 6.19
N ALA B 271 5.26 -12.11 6.55
CA ALA B 271 5.58 -13.19 5.62
C ALA B 271 4.62 -13.23 4.42
N GLY B 272 3.54 -12.46 4.42
CA GLY B 272 2.65 -12.41 3.29
C GLY B 272 1.46 -13.33 3.36
N ILE B 273 1.18 -13.91 4.52
CA ILE B 273 0.09 -14.87 4.67
C ILE B 273 -1.13 -14.14 5.17
N TRP B 274 -2.26 -14.36 4.50
CA TRP B 274 -3.53 -13.77 4.94
C TRP B 274 -4.06 -14.58 6.11
N GLU B 275 -4.31 -13.91 7.22
CA GLU B 275 -4.78 -14.56 8.44
C GLU B 275 -6.19 -14.11 8.78
N ILE B 276 -7.02 -15.06 9.17
CA ILE B 276 -8.39 -14.72 9.55
C ILE B 276 -8.40 -14.45 11.05
N ASN B 277 -9.30 -13.54 11.44
CA ASN B 277 -9.55 -13.25 12.85
C ASN B 277 -10.26 -14.46 13.47
N ALA B 278 -9.68 -15.00 14.54
CA ALA B 278 -10.23 -16.20 15.16
C ALA B 278 -11.53 -15.91 15.89
N GLN B 279 -11.61 -14.77 16.58
CA GLN B 279 -12.85 -14.41 17.26
C GLN B 279 -14.00 -14.37 16.27
N TRP B 280 -13.78 -13.73 15.12
CA TRP B 280 -14.82 -13.68 14.10
C TRP B 280 -15.14 -15.06 13.55
N LEU B 281 -14.13 -15.91 13.39
CA LEU B 281 -14.39 -17.23 12.84
C LEU B 281 -15.27 -18.06 13.77
N GLU B 282 -15.03 -17.99 15.08
CA GLU B 282 -15.83 -18.77 16.02
C GLU B 282 -17.30 -18.42 15.91
N GLU B 283 -17.60 -17.15 15.60
CA GLU B 283 -18.95 -16.65 15.41
C GLU B 283 -19.51 -16.89 14.03
N ASN B 284 -18.72 -17.40 13.09
CA ASN B 284 -19.19 -17.52 11.72
C ASN B 284 -18.76 -18.82 11.05
N LEU B 285 -18.69 -19.91 11.81
CA LEU B 285 -18.25 -21.19 11.27
C LEU B 285 -19.09 -21.62 10.06
N ARG B 286 -20.40 -21.35 10.08
CA ARG B 286 -21.25 -21.71 8.94
C ARG B 286 -20.91 -20.91 7.69
N ALA B 287 -20.24 -19.77 7.83
CA ALA B 287 -20.01 -18.88 6.69
C ALA B 287 -18.80 -19.27 5.83
N VAL B 288 -18.00 -20.26 6.24
CA VAL B 288 -16.80 -20.67 5.49
C VAL B 288 -16.65 -22.18 5.59
N GLU B 289 -15.74 -22.70 4.78
CA GLU B 289 -15.30 -24.08 4.88
C GLU B 289 -14.00 -24.13 5.68
N ILE B 290 -13.93 -25.06 6.62
CA ILE B 290 -12.80 -25.19 7.53
C ILE B 290 -12.13 -26.51 7.24
N VAL B 291 -10.87 -26.47 6.81
CA VAL B 291 -10.14 -27.65 6.37
C VAL B 291 -9.00 -27.92 7.35
N ASP B 292 -9.10 -29.02 8.08
CA ASP B 292 -8.04 -29.47 8.98
C ASP B 292 -7.11 -30.34 8.14
N VAL B 293 -5.89 -29.85 7.94
CA VAL B 293 -4.93 -30.50 7.08
C VAL B 293 -3.91 -31.32 7.89
N ARG B 294 -4.25 -31.67 9.13
CA ARG B 294 -3.37 -32.48 9.95
C ARG B 294 -3.47 -33.96 9.54
N GLU B 295 -2.64 -34.78 10.17
CA GLU B 295 -2.71 -36.22 10.01
C GLU B 295 -3.95 -36.76 10.71
N PRO B 296 -4.43 -37.93 10.30
CA PRO B 296 -5.62 -38.50 10.95
C PRO B 296 -5.46 -38.69 12.45
N GLU B 297 -4.25 -38.99 12.94
CA GLU B 297 -4.07 -39.19 14.38
C GLU B 297 -4.40 -37.93 15.16
N GLU B 298 -3.85 -36.77 14.74
CA GLU B 298 -4.12 -35.54 15.47
C GLU B 298 -5.60 -35.12 15.34
N PHE B 299 -6.19 -35.32 14.16
CA PHE B 299 -7.57 -34.90 13.94
C PHE B 299 -8.52 -35.61 14.90
N ASN B 300 -8.40 -36.92 15.02
CA ASN B 300 -9.17 -37.65 16.01
C ASN B 300 -8.43 -37.78 17.34
N GLY B 301 -7.42 -36.93 17.56
CA GLY B 301 -6.53 -37.06 18.67
C GLY B 301 -6.80 -36.13 19.83
N PRO B 302 -5.85 -36.06 20.76
CA PRO B 302 -6.12 -35.40 22.05
C PRO B 302 -6.31 -33.90 21.98
N LEU B 303 -5.91 -33.24 20.89
CA LEU B 303 -6.09 -31.79 20.84
C LEU B 303 -7.48 -31.38 20.38
N GLY B 304 -8.29 -32.31 19.88
CA GLY B 304 -9.62 -31.99 19.39
C GLY B 304 -9.66 -31.35 18.01
N ARG B 305 -10.88 -30.97 17.60
CA ARG B 305 -11.11 -30.35 16.30
C ARG B 305 -12.09 -29.19 16.39
N ILE B 306 -11.98 -28.29 15.43
CA ILE B 306 -12.98 -27.25 15.24
C ILE B 306 -14.24 -27.87 14.65
N PRO B 307 -15.42 -27.58 15.21
CA PRO B 307 -16.65 -28.18 14.68
C PRO B 307 -16.87 -27.86 13.21
N ALA B 308 -17.36 -28.85 12.46
CA ALA B 308 -17.63 -28.76 11.03
C ALA B 308 -16.36 -28.56 10.20
N ALA B 309 -15.23 -29.09 10.66
CA ALA B 309 -13.98 -29.02 9.93
C ALA B 309 -13.80 -30.27 9.07
N ARG B 310 -13.42 -30.08 7.81
CA ARG B 310 -13.18 -31.19 6.89
C ARG B 310 -11.73 -31.66 7.00
N LEU B 311 -11.53 -32.97 7.16
CA LEU B 311 -10.18 -33.52 7.27
C LEU B 311 -9.67 -33.85 5.86
N ILE B 312 -8.69 -33.08 5.40
CA ILE B 312 -7.90 -33.41 4.20
C ILE B 312 -6.44 -33.33 4.61
N SER B 313 -5.84 -34.48 4.91
CA SER B 313 -4.44 -34.49 5.32
C SER B 313 -3.57 -33.86 4.25
N LEU B 314 -2.55 -33.13 4.68
CA LEU B 314 -1.71 -32.38 3.76
C LEU B 314 -1.04 -33.35 2.79
N GLY B 315 -1.04 -33.01 1.51
CA GLY B 315 -0.54 -33.87 0.47
C GLY B 315 -1.63 -34.55 -0.33
N GLU B 316 -2.81 -34.72 0.27
CA GLU B 316 -4.00 -35.15 -0.43
C GLU B 316 -4.77 -33.95 -0.95
N LEU B 317 -4.38 -32.78 -0.48
CA LEU B 317 -5.12 -31.55 -0.71
C LEU B 317 -5.13 -31.20 -2.20
N ALA B 318 -3.95 -31.20 -2.82
CA ALA B 318 -3.81 -30.76 -4.21
C ALA B 318 -4.72 -31.56 -5.14
N GLY B 319 -4.82 -32.87 -4.91
CA GLY B 319 -5.62 -33.70 -5.80
C GLY B 319 -7.13 -33.66 -5.57
N ARG B 320 -7.60 -33.11 -4.45
CA ARG B 320 -9.02 -33.13 -4.13
C ARG B 320 -9.68 -31.75 -4.20
N THR B 321 -9.08 -30.81 -4.92
CA THR B 321 -9.60 -29.44 -5.00
C THR B 321 -10.93 -29.31 -5.74
N ALA B 322 -11.45 -30.38 -6.35
CA ALA B 322 -12.72 -30.30 -7.08
C ALA B 322 -13.94 -30.38 -6.16
N GLU B 323 -13.73 -30.57 -4.86
CA GLU B 323 -14.82 -30.70 -3.90
C GLU B 323 -15.21 -29.37 -3.28
N LEU B 324 -14.45 -28.31 -3.53
CA LEU B 324 -14.65 -27.02 -2.90
C LEU B 324 -15.34 -26.06 -3.86
N THR B 325 -16.24 -25.24 -3.32
CA THR B 325 -17.13 -24.40 -4.12
C THR B 325 -16.73 -22.94 -4.09
N LYS B 326 -16.88 -22.28 -5.25
CA LYS B 326 -16.52 -20.87 -5.42
C LYS B 326 -17.44 -19.96 -4.61
N ASP B 327 -18.56 -20.50 -4.11
CA ASP B 327 -19.53 -19.74 -3.33
C ASP B 327 -19.08 -19.45 -1.90
N ARG B 328 -18.16 -20.26 -1.35
CA ARG B 328 -17.82 -20.10 0.06
C ARG B 328 -16.32 -19.98 0.25
N PRO B 329 -15.84 -19.00 1.01
CA PRO B 329 -14.42 -18.90 1.30
C PRO B 329 -13.96 -20.02 2.23
N ILE B 330 -12.64 -20.20 2.29
CA ILE B 330 -12.04 -21.38 2.90
C ILE B 330 -10.93 -20.98 3.86
N VAL B 331 -10.97 -21.52 5.07
CA VAL B 331 -9.96 -21.30 6.12
C VAL B 331 -9.24 -22.63 6.38
N THR B 332 -7.91 -22.58 6.45
CA THR B 332 -7.09 -23.76 6.68
C THR B 332 -6.62 -23.80 8.12
N VAL B 333 -6.62 -24.98 8.71
CA VAL B 333 -6.23 -25.17 10.11
C VAL B 333 -5.18 -26.26 10.19
N SER B 334 -4.22 -26.09 11.09
CA SER B 334 -3.23 -27.11 11.35
C SER B 334 -2.89 -27.07 12.82
N ARG B 335 -1.84 -27.80 13.22
CA ARG B 335 -1.48 -27.86 14.62
C ARG B 335 -1.11 -26.48 15.17
N ALA B 336 -0.19 -25.77 14.49
CA ALA B 336 0.23 -24.46 14.99
C ALA B 336 0.27 -23.39 13.89
N GLY B 337 -0.36 -23.64 12.74
CA GLY B 337 -0.46 -22.64 11.69
C GLY B 337 0.57 -22.75 10.58
N GLY B 338 1.49 -23.70 10.67
CA GLY B 338 2.48 -23.89 9.64
C GLY B 338 1.96 -24.64 8.43
N ARG B 339 1.60 -25.91 8.63
CA ARG B 339 1.11 -26.73 7.52
C ARG B 339 -0.09 -26.07 6.84
N SER B 340 -0.92 -25.37 7.62
CA SER B 340 -2.07 -24.70 7.05
C SER B 340 -1.68 -23.49 6.19
N ALA B 341 -0.60 -22.80 6.56
CA ALA B 341 -0.13 -21.69 5.74
C ALA B 341 0.25 -22.15 4.34
N GLN B 342 1.00 -23.26 4.24
CA GLN B 342 1.36 -23.77 2.93
C GLN B 342 0.14 -24.25 2.15
N ALA B 343 -0.89 -24.73 2.85
CA ALA B 343 -2.12 -25.10 2.15
C ALA B 343 -2.74 -23.88 1.46
N THR B 344 -2.68 -22.71 2.09
CA THR B 344 -3.24 -21.51 1.49
C THR B 344 -2.58 -21.20 0.15
N VAL B 345 -1.27 -21.44 0.05
CA VAL B 345 -0.57 -21.17 -1.20
C VAL B 345 -1.09 -22.08 -2.31
N MET B 346 -1.30 -23.35 -1.99
CA MET B 346 -1.78 -24.29 -3.00
C MET B 346 -3.13 -23.87 -3.56
N LEU B 347 -4.01 -23.33 -2.72
CA LEU B 347 -5.35 -22.99 -3.19
C LEU B 347 -5.37 -21.73 -4.06
N ARG B 348 -4.61 -20.70 -3.68
CA ARG B 348 -4.62 -19.48 -4.49
C ARG B 348 -4.09 -19.76 -5.89
N GLN B 349 -3.02 -20.55 -6.00
CA GLN B 349 -2.52 -20.93 -7.30
C GLN B 349 -3.42 -21.94 -8.00
N ALA B 350 -4.37 -22.54 -7.28
CA ALA B 350 -5.36 -23.45 -7.88
C ALA B 350 -6.66 -22.74 -8.23
N GLY B 351 -6.66 -21.41 -8.23
CA GLY B 351 -7.77 -20.62 -8.71
C GLY B 351 -8.68 -20.08 -7.64
N PHE B 352 -8.55 -20.54 -6.40
CA PHE B 352 -9.38 -20.02 -5.32
C PHE B 352 -8.81 -18.70 -4.85
N GLU B 353 -9.66 -17.68 -4.75
CA GLU B 353 -9.18 -16.35 -4.42
C GLU B 353 -9.42 -15.96 -2.98
N ARG B 354 -10.60 -16.26 -2.44
CA ARG B 354 -10.93 -15.85 -1.08
C ARG B 354 -10.56 -16.99 -0.14
N VAL B 355 -9.26 -17.02 0.20
CA VAL B 355 -8.66 -18.04 1.06
C VAL B 355 -7.86 -17.33 2.14
N ALA B 356 -7.84 -17.92 3.33
CA ALA B 356 -7.14 -17.35 4.48
C ALA B 356 -6.76 -18.46 5.45
N ASN B 357 -5.78 -18.16 6.28
CA ASN B 357 -5.17 -19.06 7.23
C ASN B 357 -5.64 -18.74 8.64
N LEU B 358 -5.75 -19.78 9.48
CA LEU B 358 -6.02 -19.63 10.91
C LEU B 358 -4.72 -19.61 11.70
N PRO B 359 -4.28 -18.45 12.16
CA PRO B 359 -2.94 -18.35 12.76
C PRO B 359 -2.87 -19.02 14.12
N GLY B 360 -1.70 -19.57 14.43
CA GLY B 360 -1.49 -20.32 15.65
C GLY B 360 -2.08 -21.72 15.66
N GLY B 361 -2.89 -22.09 14.67
CA GLY B 361 -3.41 -23.44 14.60
C GLY B 361 -4.30 -23.81 15.79
N MET B 362 -4.45 -25.12 15.98
CA MET B 362 -5.29 -25.62 17.07
C MET B 362 -4.76 -25.20 18.44
N LEU B 363 -3.45 -24.97 18.55
CA LEU B 363 -2.85 -24.61 19.83
C LEU B 363 -3.38 -23.26 20.32
N ARG B 364 -3.44 -22.27 19.43
CA ARG B 364 -3.96 -20.96 19.83
C ARG B 364 -5.47 -20.98 19.96
N TRP B 365 -6.14 -21.76 19.11
CA TRP B 365 -7.58 -21.91 19.22
C TRP B 365 -7.97 -22.37 20.61
N ARG B 366 -7.29 -23.39 21.12
CA ARG B 366 -7.56 -23.87 22.47
C ARG B 366 -7.06 -22.89 23.52
N ALA B 367 -5.93 -22.24 23.27
CA ALA B 367 -5.39 -21.29 24.22
C ALA B 367 -6.27 -20.08 24.39
N GLU B 368 -7.08 -19.75 23.38
CA GLU B 368 -8.03 -18.64 23.41
C GLU B 368 -9.42 -19.05 23.89
N GLY B 369 -9.59 -20.29 24.36
CA GLY B 369 -10.84 -20.73 24.94
C GLY B 369 -11.96 -20.98 23.97
N ARG B 370 -11.65 -21.42 22.76
CA ARG B 370 -12.66 -21.63 21.73
C ARG B 370 -13.08 -23.11 21.70
N VAL B 371 -14.19 -23.37 20.99
CA VAL B 371 -14.86 -24.66 21.08
C VAL B 371 -14.05 -25.76 20.39
N VAL B 372 -13.92 -26.90 21.06
CA VAL B 372 -13.26 -28.08 20.50
C VAL B 372 -14.09 -29.31 20.87
N GLU B 373 -14.18 -30.26 19.95
CA GLU B 373 -14.81 -31.56 20.18
C GLU B 373 -13.77 -32.68 20.18
N ASN B 374 -14.04 -33.73 20.97
CA ASN B 374 -13.25 -34.98 21.01
C ASN B 374 -11.83 -34.75 21.52
N GLY B 375 -11.65 -33.77 22.40
CA GLY B 375 -10.34 -33.47 22.97
C GLY B 375 -10.37 -33.33 24.49
N HIS C 20 37.73 0.95 16.53
CA HIS C 20 37.80 0.25 15.26
C HIS C 20 36.40 -0.11 14.73
N MET C 21 35.71 0.88 14.15
CA MET C 21 34.36 0.68 13.61
C MET C 21 34.41 -0.34 12.47
N LEU C 22 33.24 -0.91 12.17
CA LEU C 22 33.06 -1.91 11.11
C LEU C 22 32.58 -1.29 9.80
N ILE C 23 33.06 -1.82 8.68
CA ILE C 23 32.53 -1.49 7.34
C ILE C 23 31.67 -2.63 6.82
N PHE C 24 30.44 -2.31 6.38
CA PHE C 24 29.46 -3.31 5.96
C PHE C 24 28.82 -2.93 4.63
N ARG C 25 28.67 -3.90 3.73
CA ARG C 25 27.98 -3.68 2.46
C ARG C 25 27.17 -4.91 2.08
N GLN C 26 25.87 -4.73 1.86
CA GLN C 26 25.01 -5.79 1.35
C GLN C 26 24.78 -5.59 -0.15
N LEU C 27 25.04 -6.63 -0.95
CA LEU C 27 24.91 -6.53 -2.40
C LEU C 27 24.01 -7.62 -2.96
N PHE C 28 23.19 -7.25 -3.94
CA PHE C 28 22.12 -8.10 -4.46
C PHE C 28 22.39 -8.43 -5.92
N ASP C 29 22.25 -9.70 -6.26
CA ASP C 29 22.40 -10.14 -7.64
C ASP C 29 21.00 -10.38 -8.20
N GLN C 30 20.57 -9.50 -9.11
CA GLN C 30 19.21 -9.57 -9.65
C GLN C 30 18.93 -10.90 -10.33
N GLN C 31 19.94 -11.50 -10.98
CA GLN C 31 19.70 -12.70 -11.77
C GLN C 31 19.29 -13.87 -10.90
N SER C 32 19.99 -14.09 -9.79
CA SER C 32 19.72 -15.21 -8.90
C SER C 32 19.10 -14.78 -7.57
N SER C 33 18.90 -13.48 -7.35
CA SER C 33 18.34 -12.96 -6.10
C SER C 33 19.19 -13.32 -4.89
N THR C 34 20.51 -13.34 -5.10
CA THR C 34 21.52 -13.66 -4.09
C THR C 34 22.01 -12.41 -3.37
N TYR C 35 22.20 -12.51 -2.05
CA TYR C 35 22.86 -11.46 -1.28
C TYR C 35 24.35 -11.81 -1.05
N THR C 36 25.23 -10.91 -1.46
CA THR C 36 26.65 -10.97 -1.15
C THR C 36 26.99 -9.93 -0.09
N TYR C 37 27.81 -10.31 0.88
CA TYR C 37 28.11 -9.43 2.01
C TYR C 37 29.61 -9.18 2.09
N LEU C 38 29.97 -7.90 2.15
CA LEU C 38 31.33 -7.43 2.34
C LEU C 38 31.46 -6.87 3.75
N LEU C 39 32.37 -7.42 4.53
CA LEU C 39 32.69 -6.91 5.87
C LEU C 39 34.17 -6.61 5.97
N ALA C 40 34.51 -5.59 6.76
CA ALA C 40 35.90 -5.20 6.86
C ALA C 40 36.11 -4.43 8.15
N ASP C 41 37.31 -4.58 8.70
CA ASP C 41 37.77 -3.80 9.84
C ASP C 41 38.19 -2.44 9.31
N SER C 42 37.56 -1.37 9.80
CA SER C 42 37.88 -0.05 9.28
C SER C 42 39.26 0.45 9.71
N THR C 43 39.88 -0.16 10.74
CA THR C 43 41.19 0.31 11.15
C THR C 43 42.31 -0.28 10.28
N THR C 44 42.14 -1.50 9.78
CA THR C 44 43.16 -2.16 8.97
C THR C 44 42.74 -2.35 7.53
N ARG C 45 41.48 -2.10 7.21
CA ARG C 45 40.91 -2.24 5.86
C ARG C 45 40.96 -3.68 5.35
N GLU C 46 41.16 -4.66 6.22
CA GLU C 46 41.09 -6.07 5.81
C GLU C 46 39.64 -6.55 5.76
N ALA C 47 39.32 -7.36 4.74
CA ALA C 47 37.93 -7.66 4.42
C ALA C 47 37.73 -9.13 4.11
N VAL C 48 36.48 -9.56 4.25
CA VAL C 48 35.98 -10.85 3.81
C VAL C 48 34.72 -10.62 2.99
N LEU C 49 34.39 -11.59 2.15
CA LEU C 49 33.30 -11.42 1.20
C LEU C 49 32.50 -12.71 1.18
N ILE C 50 31.23 -12.65 1.60
CA ILE C 50 30.39 -13.83 1.76
C ILE C 50 29.55 -14.01 0.51
N ASP C 51 29.63 -15.20 -0.10
CA ASP C 51 28.82 -15.62 -1.23
C ASP C 51 28.91 -14.67 -2.43
N PRO C 52 30.10 -14.52 -3.01
CA PRO C 52 30.23 -13.71 -4.22
C PRO C 52 29.67 -14.45 -5.42
N VAL C 53 29.08 -13.71 -6.34
CA VAL C 53 28.47 -14.28 -7.53
C VAL C 53 29.41 -14.08 -8.70
N PHE C 54 29.57 -15.15 -9.50
CA PHE C 54 30.51 -15.12 -10.62
C PHE C 54 30.23 -13.94 -11.56
N GLU C 55 28.96 -13.77 -11.94
CA GLU C 55 28.56 -12.68 -12.82
C GLU C 55 28.92 -11.31 -12.25
N GLN C 56 29.13 -11.21 -10.93
CA GLN C 56 29.38 -9.94 -10.25
C GLN C 56 30.84 -9.74 -9.83
N VAL C 57 31.79 -10.51 -10.37
CA VAL C 57 33.17 -10.39 -9.89
C VAL C 57 33.73 -9.00 -10.21
N ARG C 58 33.37 -8.46 -11.39
CA ARG C 58 33.89 -7.16 -11.78
C ARG C 58 33.37 -6.09 -10.83
N ARG C 59 32.09 -6.17 -10.48
CA ARG C 59 31.49 -5.23 -9.54
C ARG C 59 32.14 -5.34 -8.16
N ASP C 60 32.21 -6.55 -7.62
CA ASP C 60 32.75 -6.71 -6.27
C ASP C 60 34.21 -6.25 -6.18
N ALA C 61 35.02 -6.57 -7.18
CA ALA C 61 36.41 -6.14 -7.16
C ALA C 61 36.53 -4.62 -7.21
N ALA C 62 35.66 -3.97 -7.99
CA ALA C 62 35.68 -2.51 -8.07
C ALA C 62 35.34 -1.86 -6.73
N LEU C 63 34.35 -2.41 -6.02
CA LEU C 63 33.97 -1.85 -4.72
C LEU C 63 35.10 -1.98 -3.71
N ILE C 64 35.73 -3.15 -3.66
CA ILE C 64 36.86 -3.38 -2.78
C ILE C 64 37.99 -2.39 -3.06
N GLU C 65 38.25 -2.14 -4.33
CA GLU C 65 39.27 -1.15 -4.67
C GLU C 65 38.83 0.25 -4.25
N GLU C 66 37.60 0.63 -4.57
CA GLU C 66 37.19 2.00 -4.29
C GLU C 66 37.12 2.26 -2.79
N LEU C 67 36.84 1.24 -1.99
CA LEU C 67 36.92 1.38 -0.54
C LEU C 67 38.32 1.19 0.01
N GLY C 68 39.29 0.88 -0.86
CA GLY C 68 40.67 0.70 -0.40
C GLY C 68 40.84 -0.45 0.56
N LEU C 69 40.20 -1.57 0.28
CA LEU C 69 40.25 -2.73 1.16
C LEU C 69 41.20 -3.80 0.60
N HIS C 70 41.57 -4.72 1.48
CA HIS C 70 42.35 -5.90 1.11
C HIS C 70 41.57 -7.14 1.52
N LEU C 71 41.19 -7.94 0.52
CA LEU C 71 40.29 -9.07 0.72
C LEU C 71 41.10 -10.31 1.08
N LEU C 72 41.00 -10.74 2.32
CA LEU C 72 41.69 -11.93 2.81
C LEU C 72 41.00 -13.21 2.34
N TYR C 73 39.66 -13.22 2.37
CA TYR C 73 38.87 -14.44 2.18
C TYR C 73 37.59 -14.15 1.43
N THR C 74 37.21 -15.07 0.53
CA THR C 74 35.82 -15.27 0.14
C THR C 74 35.29 -16.47 0.91
N ILE C 75 34.03 -16.38 1.32
CA ILE C 75 33.39 -17.44 2.08
C ILE C 75 32.08 -17.79 1.39
N ASP C 76 31.95 -19.04 0.96
CA ASP C 76 30.69 -19.53 0.42
C ASP C 76 29.97 -20.29 1.53
N THR C 77 28.73 -19.87 1.83
CA THR C 77 27.98 -20.51 2.92
C THR C 77 27.61 -21.95 2.62
N HIS C 78 27.55 -22.33 1.35
CA HIS C 78 27.25 -23.71 0.94
C HIS C 78 27.52 -23.81 -0.56
N VAL C 79 27.38 -25.03 -1.08
CA VAL C 79 27.51 -25.24 -2.52
C VAL C 79 26.21 -24.79 -3.17
N HIS C 80 26.26 -23.66 -3.85
CA HIS C 80 25.05 -23.04 -4.35
C HIS C 80 24.52 -23.76 -5.58
N ALA C 81 23.19 -23.83 -5.70
CA ALA C 81 22.54 -24.44 -6.85
C ALA C 81 21.96 -23.40 -7.80
N ASP C 82 22.03 -22.12 -7.43
CA ASP C 82 21.36 -21.04 -8.14
C ASP C 82 22.30 -20.12 -8.89
N HIS C 83 23.57 -20.07 -8.52
CA HIS C 83 24.55 -19.20 -9.18
C HIS C 83 25.92 -19.85 -9.07
N VAL C 84 26.80 -19.51 -10.01
CA VAL C 84 28.19 -19.92 -9.89
C VAL C 84 28.87 -18.99 -8.90
N THR C 85 29.64 -19.56 -7.98
CA THR C 85 30.34 -18.72 -7.02
C THR C 85 31.44 -17.93 -7.73
N GLY C 86 31.76 -16.78 -7.16
CA GLY C 86 32.86 -15.98 -7.62
C GLY C 86 34.19 -16.27 -6.96
N ALA C 87 34.24 -17.24 -6.05
CA ALA C 87 35.43 -17.45 -5.23
C ALA C 87 36.69 -17.65 -6.06
N TRP C 88 36.60 -18.45 -7.12
CA TRP C 88 37.77 -18.78 -7.93
C TRP C 88 38.23 -17.58 -8.74
N MET C 89 37.31 -16.83 -9.33
CA MET C 89 37.72 -15.65 -10.11
C MET C 89 38.34 -14.59 -9.22
N LEU C 90 37.85 -14.45 -7.99
CA LEU C 90 38.45 -13.48 -7.07
C LEU C 90 39.83 -13.92 -6.60
N ASN C 91 40.01 -15.21 -6.38
CA ASN C 91 41.33 -15.74 -6.05
C ASN C 91 42.32 -15.45 -7.19
N ARG C 92 41.91 -15.72 -8.42
CA ARG C 92 42.77 -15.51 -9.56
C ARG C 92 43.10 -14.04 -9.75
N ARG C 93 42.14 -13.16 -9.52
CA ARG C 93 42.33 -11.77 -9.90
C ARG C 93 42.99 -10.93 -8.81
N ILE C 94 42.59 -11.11 -7.56
CA ILE C 94 43.10 -10.24 -6.51
C ILE C 94 43.66 -11.07 -5.37
N GLY C 95 43.71 -12.37 -5.54
CA GLY C 95 44.38 -13.19 -4.55
C GLY C 95 43.65 -13.41 -3.26
N SER C 96 42.32 -13.44 -3.29
CA SER C 96 41.60 -13.79 -2.08
C SER C 96 41.66 -15.30 -1.89
N ARG C 97 41.61 -15.72 -0.63
CA ARG C 97 41.60 -17.14 -0.30
C ARG C 97 40.19 -17.68 -0.37
N ILE C 98 40.04 -18.90 -0.89
CA ILE C 98 38.74 -19.54 -1.04
C ILE C 98 38.49 -20.33 0.23
N ALA C 99 37.37 -20.03 0.92
CA ALA C 99 37.01 -20.73 2.14
C ALA C 99 35.59 -21.25 2.02
N ILE C 100 35.41 -22.49 2.47
CA ILE C 100 34.13 -23.17 2.42
C ILE C 100 34.20 -24.27 3.47
N SER C 101 33.06 -24.86 3.80
CA SER C 101 33.08 -25.89 4.84
C SER C 101 33.70 -27.17 4.32
N ALA C 102 34.40 -27.87 5.23
CA ALA C 102 34.85 -29.22 4.94
C ALA C 102 33.67 -30.12 4.59
N ALA C 103 32.52 -29.95 5.27
CA ALA C 103 31.39 -30.83 5.08
C ALA C 103 30.77 -30.71 3.69
N SER C 104 31.02 -29.61 2.96
CA SER C 104 30.41 -29.44 1.66
C SER C 104 30.93 -30.45 0.64
N GLY C 105 32.16 -30.92 0.80
CA GLY C 105 32.81 -31.79 -0.15
C GLY C 105 33.34 -31.10 -1.39
N ALA C 106 33.29 -29.78 -1.46
CA ALA C 106 33.86 -29.08 -2.60
C ALA C 106 35.38 -29.13 -2.52
N GLU C 107 36.01 -29.16 -3.68
CA GLU C 107 37.45 -29.25 -3.79
C GLU C 107 38.05 -27.95 -4.30
N GLY C 108 39.26 -27.66 -3.82
CA GLY C 108 40.07 -26.59 -4.37
C GLY C 108 40.18 -25.33 -3.53
N ALA C 109 39.72 -25.33 -2.29
CA ALA C 109 39.79 -24.15 -1.44
C ALA C 109 41.12 -24.07 -0.69
N ASP C 110 41.47 -22.86 -0.25
CA ASP C 110 42.64 -22.63 0.58
C ASP C 110 42.39 -22.85 2.07
N ARG C 111 41.13 -22.89 2.52
CA ARG C 111 40.84 -23.12 3.93
C ARG C 111 39.47 -23.75 4.07
N TYR C 112 39.44 -24.97 4.62
CA TYR C 112 38.19 -25.66 4.90
C TYR C 112 37.78 -25.39 6.34
N LEU C 113 36.50 -25.10 6.51
CA LEU C 113 35.97 -24.60 7.77
C LEU C 113 35.17 -25.70 8.46
N SER C 114 35.28 -25.73 9.78
CA SER C 114 34.50 -26.64 10.61
C SER C 114 33.86 -25.84 11.73
N HIS C 115 32.87 -26.45 12.37
CA HIS C 115 32.18 -25.82 13.48
C HIS C 115 33.16 -25.32 14.53
N GLY C 116 33.00 -24.07 14.93
CA GLY C 116 33.88 -23.45 15.89
C GLY C 116 35.07 -22.70 15.32
N ASP C 117 35.33 -22.80 14.01
CA ASP C 117 36.37 -21.99 13.41
C ASP C 117 36.04 -20.51 13.53
N LYS C 118 37.09 -19.68 13.65
CA LYS C 118 36.94 -18.24 13.69
C LYS C 118 37.81 -17.63 12.60
N VAL C 119 37.15 -17.00 11.62
CA VAL C 119 37.82 -16.39 10.48
C VAL C 119 38.07 -14.94 10.82
N GLU C 120 39.33 -14.60 11.05
CA GLU C 120 39.73 -13.29 11.50
C GLU C 120 39.97 -12.38 10.30
N PHE C 121 39.66 -11.10 10.50
CA PHE C 121 40.05 -10.07 9.55
C PHE C 121 40.40 -8.84 10.38
N GLY C 122 41.69 -8.55 10.49
CA GLY C 122 42.11 -7.49 11.38
C GLY C 122 41.73 -7.81 12.81
N THR C 123 41.32 -6.79 13.55
CA THR C 123 40.94 -6.98 14.94
C THR C 123 39.61 -7.70 15.08
N ARG C 124 38.86 -7.89 14.01
CA ARG C 124 37.53 -8.50 14.06
C ARG C 124 37.61 -9.97 13.65
N TYR C 125 36.49 -10.67 13.83
CA TYR C 125 36.37 -12.03 13.36
C TYR C 125 34.89 -12.42 13.24
N LEU C 126 34.67 -13.48 12.46
CA LEU C 126 33.42 -14.21 12.40
C LEU C 126 33.65 -15.60 12.96
N THR C 127 32.62 -16.18 13.57
CA THR C 127 32.73 -17.56 14.06
C THR C 127 31.76 -18.43 13.28
N VAL C 128 32.15 -19.68 13.10
CA VAL C 128 31.46 -20.62 12.25
C VAL C 128 30.51 -21.47 13.09
N ARG C 129 29.26 -21.59 12.62
CA ARG C 129 28.30 -22.55 13.15
C ARG C 129 27.81 -23.38 11.97
N ALA C 130 27.89 -24.70 12.10
CA ALA C 130 27.40 -25.60 11.07
C ALA C 130 25.87 -25.70 11.16
N THR C 131 25.18 -25.42 10.05
CA THR C 131 23.72 -25.36 10.02
C THR C 131 23.15 -26.11 8.81
N PRO C 132 23.41 -27.41 8.72
CA PRO C 132 22.99 -28.17 7.54
C PRO C 132 21.48 -28.39 7.52
N GLY C 133 21.01 -28.81 6.35
CA GLY C 133 19.61 -29.00 6.08
C GLY C 133 19.29 -28.50 4.69
N HIS C 134 19.67 -27.25 4.38
CA HIS C 134 19.55 -26.81 3.00
C HIS C 134 20.52 -27.60 2.13
N THR C 135 21.77 -27.70 2.56
CA THR C 135 22.71 -28.72 2.10
C THR C 135 23.33 -29.33 3.34
N ASP C 136 24.07 -30.41 3.13
CA ASP C 136 24.80 -30.97 4.25
C ASP C 136 26.09 -30.21 4.54
N GLY C 137 26.41 -29.20 3.74
CA GLY C 137 27.57 -28.33 3.92
C GLY C 137 27.24 -26.89 4.26
N CYS C 138 26.00 -26.62 4.67
CA CYS C 138 25.60 -25.25 5.00
C CYS C 138 26.26 -24.77 6.29
N ILE C 139 26.73 -23.52 6.27
CA ILE C 139 27.40 -22.91 7.42
C ILE C 139 26.73 -21.58 7.76
N THR C 140 26.78 -21.20 9.02
CA THR C 140 26.32 -19.90 9.47
C THR C 140 27.48 -19.16 10.11
N LEU C 141 27.64 -17.87 9.76
CA LEU C 141 28.77 -17.06 10.17
C LEU C 141 28.33 -15.99 11.15
N VAL C 142 28.90 -16.02 12.35
CA VAL C 142 28.46 -15.16 13.46
C VAL C 142 29.55 -14.12 13.75
N LEU C 143 29.17 -12.85 13.69
CA LEU C 143 30.09 -11.77 14.02
C LEU C 143 30.52 -11.88 15.48
N ASP C 144 31.73 -11.38 15.75
CA ASP C 144 32.35 -11.54 17.06
C ASP C 144 31.45 -11.06 18.20
N ASN C 145 30.89 -9.87 18.06
CA ASN C 145 30.07 -9.34 19.14
C ASN C 145 28.63 -9.85 19.08
N GLU C 146 28.32 -10.72 18.13
CA GLU C 146 27.01 -11.37 18.00
C GLU C 146 25.88 -10.38 17.76
N THR C 147 26.18 -9.25 17.12
CA THR C 147 25.14 -8.33 16.69
C THR C 147 24.55 -8.72 15.34
N MET C 148 25.23 -9.54 14.56
CA MET C 148 24.67 -9.96 13.29
C MET C 148 25.24 -11.34 12.94
N ALA C 149 24.50 -12.08 12.11
CA ALA C 149 24.94 -13.38 11.66
C ALA C 149 24.48 -13.59 10.23
N PHE C 150 25.16 -14.49 9.53
CA PHE C 150 24.88 -14.76 8.12
C PHE C 150 24.46 -16.22 7.98
N THR C 151 23.21 -16.44 7.56
CA THR C 151 22.58 -17.73 7.67
C THR C 151 22.50 -18.49 6.36
N GLY C 152 23.17 -17.99 5.31
CA GLY C 152 23.13 -18.67 4.02
C GLY C 152 21.70 -18.92 3.58
N ASP C 153 21.46 -20.14 3.09
CA ASP C 153 20.11 -20.58 2.78
C ASP C 153 19.51 -21.48 3.85
N CYS C 154 20.02 -21.43 5.08
CA CYS C 154 19.39 -22.23 6.12
C CYS C 154 18.08 -21.56 6.54
N LEU C 155 18.17 -20.43 7.22
CA LEU C 155 17.00 -19.64 7.58
C LEU C 155 16.94 -18.43 6.66
N LEU C 156 15.81 -18.25 6.00
CA LEU C 156 15.54 -17.07 5.18
C LEU C 156 14.56 -16.16 5.90
N ILE C 157 14.35 -14.97 5.34
CA ILE C 157 13.42 -14.01 5.94
C ILE C 157 12.00 -14.57 5.87
N ARG C 158 11.41 -14.81 7.04
CA ARG C 158 10.11 -15.49 7.16
C ARG C 158 10.07 -16.79 6.35
N GLY C 159 11.15 -17.56 6.39
CA GLY C 159 11.16 -18.80 5.64
C GLY C 159 12.39 -19.64 5.92
N THR C 160 12.62 -20.61 5.04
CA THR C 160 13.82 -21.44 5.11
C THR C 160 14.25 -21.82 3.70
N GLY C 161 15.47 -22.33 3.61
CA GLY C 161 15.95 -22.96 2.40
C GLY C 161 15.23 -24.27 2.13
N ARG C 162 15.36 -24.73 0.89
CA ARG C 162 14.77 -25.99 0.49
C ARG C 162 15.36 -27.14 1.30
N THR C 163 14.64 -28.26 1.30
CA THR C 163 15.15 -29.47 1.91
C THR C 163 15.14 -30.66 0.96
N ASP C 164 14.85 -30.44 -0.31
CA ASP C 164 14.58 -31.53 -1.25
C ASP C 164 15.77 -31.83 -2.14
N PHE C 165 16.93 -31.30 -1.86
CA PHE C 165 18.08 -31.63 -2.69
C PHE C 165 18.83 -32.82 -2.12
N GLN C 166 19.32 -33.67 -3.03
CA GLN C 166 20.12 -34.87 -2.74
C GLN C 166 20.37 -35.08 -1.25
N ARG C 167 21.04 -34.09 -0.64
CA ARG C 167 21.46 -34.12 0.76
C ARG C 167 20.49 -33.38 1.69
N GLY C 168 19.31 -32.98 1.20
CA GLY C 168 18.38 -32.25 2.05
C GLY C 168 17.70 -33.10 3.12
N ASP C 169 17.62 -32.52 4.32
CA ASP C 169 16.93 -33.14 5.45
C ASP C 169 16.19 -32.03 6.21
N ALA C 170 14.87 -32.15 6.29
CA ALA C 170 14.09 -31.14 7.00
C ALA C 170 14.34 -31.21 8.51
N HIS C 171 14.52 -32.41 9.07
CA HIS C 171 14.82 -32.53 10.49
C HIS C 171 16.12 -31.85 10.85
N THR C 172 17.17 -32.10 10.06
CA THR C 172 18.46 -31.46 10.29
C THR C 172 18.33 -29.95 10.28
N MET C 173 17.59 -29.43 9.30
CA MET C 173 17.39 -27.98 9.21
C MET C 173 16.66 -27.45 10.43
N PHE C 174 15.58 -28.12 10.84
CA PHE C 174 14.85 -27.71 12.04
C PHE C 174 15.76 -27.71 13.25
N ARG C 175 16.56 -28.77 13.41
CA ARG C 175 17.49 -28.86 14.53
C ARG C 175 18.61 -27.84 14.41
N ALA C 176 19.06 -27.54 13.20
CA ALA C 176 20.08 -26.52 13.01
C ALA C 176 19.54 -25.14 13.41
N VAL C 177 18.37 -24.78 12.91
CA VAL C 177 17.79 -23.46 13.19
C VAL C 177 17.61 -23.25 14.70
N HIS C 178 17.08 -24.25 15.40
CA HIS C 178 16.84 -24.06 16.82
C HIS C 178 18.12 -24.19 17.65
N GLY C 179 19.06 -25.02 17.23
CA GLY C 179 20.25 -25.24 18.03
C GLY C 179 21.36 -24.24 17.82
N GLN C 180 21.50 -23.70 16.62
CA GLN C 180 22.61 -22.82 16.29
C GLN C 180 22.21 -21.38 15.99
N ILE C 181 21.00 -21.14 15.50
CA ILE C 181 20.59 -19.80 15.08
C ILE C 181 19.69 -19.14 16.12
N PHE C 182 18.65 -19.85 16.57
CA PHE C 182 17.75 -19.29 17.59
C PHE C 182 18.39 -19.20 18.96
N THR C 183 19.58 -19.76 19.14
CA THR C 183 20.32 -19.62 20.39
C THR C 183 21.14 -18.34 20.43
N LEU C 184 21.25 -17.63 19.31
CA LEU C 184 21.92 -16.35 19.28
C LEU C 184 21.11 -15.31 20.06
N PRO C 185 21.72 -14.17 20.40
CA PRO C 185 20.98 -13.11 21.09
C PRO C 185 19.73 -12.68 20.32
N THR C 186 18.72 -12.26 21.08
CA THR C 186 17.44 -11.89 20.47
C THR C 186 17.60 -10.72 19.50
N ALA C 187 18.49 -9.78 19.82
CA ALA C 187 18.61 -8.58 19.00
C ALA C 187 19.47 -8.82 17.77
N CYS C 188 20.07 -9.99 17.64
CA CYS C 188 21.02 -10.24 16.58
C CYS C 188 20.34 -10.21 15.23
N LEU C 189 20.86 -9.38 14.32
CA LEU C 189 20.35 -9.32 12.96
C LEU C 189 20.74 -10.60 12.23
N LEU C 190 19.90 -11.01 11.27
CA LEU C 190 20.12 -12.22 10.50
C LEU C 190 20.07 -11.89 9.01
N TYR C 191 21.17 -12.13 8.30
CA TYR C 191 21.28 -11.79 6.88
C TYR C 191 21.27 -13.05 6.03
N PRO C 192 20.32 -13.21 5.11
CA PRO C 192 20.21 -14.45 4.34
C PRO C 192 20.98 -14.37 3.04
N ALA C 193 21.15 -15.54 2.40
CA ALA C 193 21.83 -15.61 1.12
C ALA C 193 20.92 -15.25 -0.06
N HIS C 194 19.60 -15.23 0.16
CA HIS C 194 18.62 -14.88 -0.87
C HIS C 194 17.43 -14.17 -0.25
N ASP C 195 16.78 -13.33 -1.06
CA ASP C 195 15.42 -12.89 -0.80
C ASP C 195 14.75 -12.57 -2.12
N TYR C 196 13.48 -12.96 -2.24
CA TYR C 196 12.73 -12.81 -3.48
C TYR C 196 11.64 -11.74 -3.37
N ARG C 197 11.56 -11.05 -2.23
CA ARG C 197 10.52 -10.08 -1.97
C ARG C 197 11.08 -8.71 -1.61
N GLY C 198 12.35 -8.45 -1.89
CA GLY C 198 12.90 -7.15 -1.60
C GLY C 198 13.14 -6.87 -0.12
N LEU C 199 13.22 -7.90 0.71
CA LEU C 199 13.55 -7.75 2.11
C LEU C 199 15.06 -7.96 2.30
N THR C 200 15.65 -7.24 3.26
CA THR C 200 17.10 -7.25 3.37
C THR C 200 17.65 -7.87 4.64
N VAL C 201 16.89 -7.94 5.73
CA VAL C 201 17.45 -8.45 6.98
C VAL C 201 16.29 -8.86 7.86
N THR C 202 16.56 -9.82 8.77
CA THR C 202 15.61 -10.15 9.83
C THR C 202 16.40 -10.25 11.14
N SER C 203 15.82 -10.82 12.19
CA SER C 203 16.50 -10.93 13.47
C SER C 203 16.03 -12.20 14.16
N VAL C 204 16.79 -12.61 15.19
CA VAL C 204 16.43 -13.78 15.97
C VAL C 204 15.04 -13.62 16.58
N GLY C 205 14.81 -12.48 17.24
CA GLY C 205 13.55 -12.26 17.93
C GLY C 205 12.35 -12.38 17.00
N GLU C 206 12.46 -11.79 15.82
CA GLU C 206 11.37 -11.91 14.87
C GLU C 206 11.17 -13.34 14.41
N GLU C 207 12.26 -14.04 14.08
CA GLU C 207 12.10 -15.39 13.52
C GLU C 207 11.63 -16.39 14.57
N ARG C 208 12.14 -16.29 15.81
CA ARG C 208 11.62 -17.13 16.87
C ARG C 208 10.11 -17.01 17.02
N ARG C 209 9.56 -15.80 16.80
CA ARG C 209 8.12 -15.60 16.99
C ARG C 209 7.31 -15.82 15.72
N PHE C 210 7.79 -15.35 14.57
CA PHE C 210 6.93 -15.25 13.39
C PHE C 210 7.34 -16.12 12.20
N ASN C 211 8.39 -16.92 12.30
CA ASN C 211 8.74 -17.77 11.15
C ASN C 211 7.56 -18.70 10.86
N PRO C 212 7.01 -18.69 9.64
CA PRO C 212 5.78 -19.44 9.38
C PRO C 212 6.00 -20.92 9.17
N ARG C 213 7.25 -21.37 9.07
CA ARG C 213 7.56 -22.77 8.86
C ARG C 213 8.01 -23.46 10.13
N LEU C 214 8.78 -22.78 10.99
CA LEU C 214 9.28 -23.45 12.17
C LEU C 214 9.42 -22.51 13.37
N GLY C 215 8.81 -21.33 13.33
CA GLY C 215 8.75 -20.45 14.47
C GLY C 215 7.48 -20.65 15.30
N GLY C 216 7.24 -19.71 16.20
CA GLY C 216 6.07 -19.77 17.04
C GLY C 216 6.04 -21.03 17.89
N GLU C 217 4.93 -21.76 17.82
CA GLU C 217 4.76 -23.00 18.55
C GLU C 217 4.94 -24.23 17.66
N LEU C 218 5.44 -24.04 16.44
CA LEU C 218 5.62 -25.15 15.52
C LEU C 218 6.67 -26.12 16.04
N CYS C 219 6.37 -27.40 15.94
CA CYS C 219 7.26 -28.47 16.37
C CYS C 219 8.00 -29.06 15.18
N GLU C 220 8.94 -29.96 15.49
CA GLU C 220 9.76 -30.56 14.44
C GLU C 220 8.92 -31.23 13.37
N GLU C 221 7.82 -31.89 13.77
CA GLU C 221 6.96 -32.62 12.84
C GLU C 221 6.10 -31.68 12.00
N ASP C 222 5.69 -30.54 12.54
CA ASP C 222 4.97 -29.57 11.72
C ASP C 222 5.83 -29.10 10.56
N PHE C 223 7.12 -28.88 10.80
CA PHE C 223 8.00 -28.34 9.77
C PHE C 223 8.22 -29.36 8.65
N THR C 224 8.52 -30.60 9.00
CA THR C 224 8.77 -31.61 7.98
C THR C 224 7.56 -31.83 7.08
N GLY C 225 6.37 -31.81 7.67
CA GLY C 225 5.16 -31.93 6.87
C GLY C 225 4.94 -30.75 5.95
N TYR C 226 5.28 -29.55 6.41
CA TYR C 226 5.25 -28.37 5.55
C TYR C 226 6.18 -28.55 4.34
N MET C 227 7.42 -28.98 4.58
CA MET C 227 8.41 -29.00 3.50
C MET C 227 8.12 -30.08 2.47
N THR C 228 7.67 -31.25 2.89
CA THR C 228 7.40 -32.30 1.91
C THR C 228 6.28 -31.94 0.96
N ASN C 229 5.50 -30.90 1.25
CA ASN C 229 4.39 -30.48 0.42
C ASN C 229 4.68 -29.19 -0.33
N LEU C 230 5.92 -28.74 -0.31
CA LEU C 230 6.32 -27.56 -1.06
C LEU C 230 6.88 -28.03 -2.40
N HIS C 231 6.25 -27.61 -3.50
CA HIS C 231 6.67 -27.99 -4.84
C HIS C 231 7.15 -26.73 -5.54
N LEU C 232 8.46 -26.53 -5.55
CA LEU C 232 9.09 -25.42 -6.21
C LEU C 232 9.98 -25.93 -7.33
N PRO C 233 9.97 -25.29 -8.48
CA PRO C 233 10.87 -25.70 -9.57
C PRO C 233 12.32 -25.55 -9.14
N HIS C 234 13.16 -26.48 -9.61
CA HIS C 234 14.60 -26.38 -9.39
C HIS C 234 15.10 -25.02 -9.85
N PRO C 235 16.18 -24.50 -9.27
CA PRO C 235 16.74 -23.24 -9.77
C PRO C 235 17.06 -23.36 -11.25
N LYS C 236 17.01 -22.23 -11.95
CA LYS C 236 17.21 -22.26 -13.39
C LYS C 236 18.60 -22.77 -13.74
N GLN C 237 19.59 -22.43 -12.91
CA GLN C 237 20.99 -22.73 -13.19
C GLN C 237 21.47 -24.04 -12.57
N ILE C 238 20.58 -24.93 -12.12
CA ILE C 238 21.02 -26.06 -11.30
C ILE C 238 22.00 -26.94 -12.05
N ASP C 239 21.70 -27.31 -13.30
CA ASP C 239 22.57 -28.22 -14.06
C ASP C 239 23.92 -27.59 -14.39
N VAL C 240 24.04 -26.27 -14.31
CA VAL C 240 25.27 -25.57 -14.58
C VAL C 240 25.98 -25.14 -13.29
N ALA C 241 25.20 -24.73 -12.27
CA ALA C 241 25.79 -24.12 -11.08
C ALA C 241 26.51 -25.15 -10.20
N VAL C 242 25.78 -26.14 -9.69
CA VAL C 242 26.37 -27.07 -8.71
C VAL C 242 27.60 -27.79 -9.26
N PRO C 243 27.64 -28.22 -10.53
CA PRO C 243 28.92 -28.74 -11.02
C PRO C 243 30.04 -27.71 -10.90
N ALA C 244 29.73 -26.42 -11.08
CA ALA C 244 30.77 -25.40 -11.04
C ALA C 244 31.30 -25.16 -9.62
N ASN C 245 30.42 -25.07 -8.62
CA ASN C 245 30.87 -24.70 -7.27
C ASN C 245 31.42 -25.86 -6.48
N LEU C 246 31.16 -27.10 -6.90
CA LEU C 246 31.88 -28.23 -6.33
C LEU C 246 33.37 -28.17 -6.65
N LYS C 247 33.75 -27.39 -7.66
CA LYS C 247 35.14 -27.06 -7.94
C LYS C 247 35.43 -25.59 -7.64
N CYS C 248 34.64 -24.98 -6.76
CA CYS C 248 34.83 -23.62 -6.28
C CYS C 248 34.83 -22.58 -7.39
N GLY C 249 34.19 -22.86 -8.52
CA GLY C 249 34.03 -21.80 -9.50
C GLY C 249 34.92 -21.77 -10.71
N LEU C 250 35.18 -22.92 -11.33
CA LEU C 250 36.05 -23.00 -12.51
C LEU C 250 35.51 -22.20 -13.70
N PRO C 261 37.47 -8.48 -22.49
CA PRO C 261 37.56 -7.32 -23.37
C PRO C 261 38.76 -7.44 -24.30
N ASP C 262 39.93 -7.60 -23.69
CA ASP C 262 41.23 -7.94 -24.29
C ASP C 262 41.64 -7.14 -25.53
N TRP C 263 41.15 -5.92 -25.74
CA TRP C 263 41.77 -5.11 -26.78
C TRP C 263 42.75 -4.07 -26.24
N ALA C 264 42.61 -3.68 -24.98
CA ALA C 264 43.55 -2.82 -24.30
C ALA C 264 43.48 -3.16 -22.82
N PRO C 265 44.37 -2.63 -22.00
CA PRO C 265 44.18 -2.79 -20.55
C PRO C 265 42.95 -2.04 -20.03
N LEU C 266 41.86 -2.75 -19.76
CA LEU C 266 40.62 -2.10 -19.34
C LEU C 266 40.24 -2.52 -17.93
N THR C 267 39.68 -1.58 -17.18
CA THR C 267 39.15 -1.89 -15.86
C THR C 267 37.78 -1.22 -15.72
N CYS C 268 36.91 -1.84 -14.95
CA CYS C 268 35.53 -1.38 -14.81
C CYS C 268 35.28 -0.78 -13.44
N SER C 269 34.76 0.45 -13.42
CA SER C 269 34.42 1.10 -12.15
C SER C 269 33.19 0.44 -11.51
N PHE C 270 33.01 0.72 -10.22
CA PHE C 270 31.85 0.21 -9.50
C PHE C 270 30.55 0.70 -10.14
N ALA C 271 30.53 1.92 -10.65
CA ALA C 271 29.41 2.47 -11.39
C ALA C 271 29.17 1.75 -12.72
N GLY C 272 30.09 0.89 -13.15
CA GLY C 272 29.92 0.11 -14.36
C GLY C 272 30.57 0.71 -15.58
N ILE C 273 31.43 1.70 -15.43
CA ILE C 273 32.03 2.40 -16.56
C ILE C 273 33.37 1.76 -16.88
N TRP C 274 33.58 1.44 -18.15
CA TRP C 274 34.85 0.86 -18.58
C TRP C 274 35.90 1.95 -18.76
N GLU C 275 37.02 1.81 -18.06
CA GLU C 275 38.08 2.80 -18.07
C GLU C 275 39.33 2.20 -18.71
N ILE C 276 40.02 2.98 -19.57
CA ILE C 276 41.26 2.56 -20.19
C ILE C 276 42.45 3.04 -19.37
N ASN C 277 43.52 2.25 -19.41
CA ASN C 277 44.79 2.65 -18.79
C ASN C 277 45.42 3.77 -19.60
N ALA C 278 45.65 4.92 -18.96
CA ALA C 278 46.09 6.09 -19.73
C ALA C 278 47.49 5.89 -20.30
N GLN C 279 48.40 5.27 -19.55
CA GLN C 279 49.75 5.05 -20.05
C GLN C 279 49.72 4.26 -21.36
N TRP C 280 48.92 3.18 -21.41
CA TRP C 280 48.81 2.39 -22.62
C TRP C 280 48.22 3.21 -23.76
N LEU C 281 47.26 4.08 -23.44
CA LEU C 281 46.64 4.87 -24.51
C LEU C 281 47.66 5.81 -25.14
N GLU C 282 48.46 6.48 -24.32
CA GLU C 282 49.48 7.39 -24.88
C GLU C 282 50.47 6.64 -25.76
N GLU C 283 50.75 5.38 -25.45
CA GLU C 283 51.67 4.63 -26.27
C GLU C 283 51.00 4.00 -27.49
N ASN C 284 49.67 4.09 -27.62
CA ASN C 284 48.96 3.41 -28.70
C ASN C 284 47.85 4.27 -29.29
N LEU C 285 48.05 5.61 -29.33
CA LEU C 285 47.00 6.52 -29.79
C LEU C 285 46.48 6.16 -31.18
N ARG C 286 47.37 5.67 -32.07
CA ARG C 286 46.95 5.26 -33.40
C ARG C 286 46.04 4.04 -33.38
N ALA C 287 46.06 3.26 -32.32
CA ALA C 287 45.33 2.00 -32.30
C ALA C 287 43.86 2.16 -31.92
N VAL C 288 43.42 3.36 -31.55
CA VAL C 288 42.05 3.58 -31.15
C VAL C 288 41.56 4.89 -31.76
N GLU C 289 40.24 5.04 -31.77
CA GLU C 289 39.60 6.29 -32.18
C GLU C 289 39.32 7.08 -30.92
N ILE C 290 39.71 8.35 -30.90
CA ILE C 290 39.60 9.19 -29.71
C ILE C 290 38.57 10.27 -29.98
N VAL C 291 37.48 10.21 -29.22
CA VAL C 291 36.31 11.06 -29.44
C VAL C 291 36.23 12.03 -28.27
N ASP C 292 36.45 13.30 -28.59
CA ASP C 292 36.35 14.38 -27.61
C ASP C 292 34.91 14.89 -27.61
N VAL C 293 34.19 14.70 -26.50
CA VAL C 293 32.77 15.06 -26.40
C VAL C 293 32.56 16.40 -25.69
N ARG C 294 33.58 17.23 -25.61
CA ARG C 294 33.41 18.54 -24.99
C ARG C 294 32.77 19.51 -25.97
N GLU C 295 32.43 20.70 -25.47
CA GLU C 295 31.94 21.76 -26.34
C GLU C 295 33.05 22.28 -27.23
N PRO C 296 32.71 22.84 -28.39
CA PRO C 296 33.76 23.33 -29.31
C PRO C 296 34.72 24.33 -28.68
N GLU C 297 34.24 25.16 -27.75
CA GLU C 297 35.10 26.12 -27.08
C GLU C 297 36.18 25.39 -26.28
N GLU C 298 35.81 24.32 -25.56
CA GLU C 298 36.79 23.57 -24.78
C GLU C 298 37.78 22.87 -25.70
N PHE C 299 37.29 22.27 -26.78
CA PHE C 299 38.14 21.55 -27.70
C PHE C 299 39.22 22.47 -28.27
N ASN C 300 38.83 23.69 -28.59
CA ASN C 300 39.75 24.73 -29.01
C ASN C 300 40.23 25.58 -27.83
N GLY C 301 40.08 25.09 -26.60
CA GLY C 301 40.31 25.88 -25.42
C GLY C 301 41.67 25.67 -24.75
N PRO C 302 41.80 26.19 -23.53
CA PRO C 302 43.12 26.32 -22.88
C PRO C 302 43.77 24.99 -22.46
N LEU C 303 43.02 23.91 -22.36
CA LEU C 303 43.56 22.61 -21.99
C LEU C 303 44.10 21.84 -23.18
N GLY C 304 43.80 22.27 -24.39
CA GLY C 304 44.24 21.48 -25.51
C GLY C 304 43.42 20.19 -25.63
N ARG C 305 43.85 19.36 -26.57
CA ARG C 305 43.26 18.07 -26.83
C ARG C 305 44.37 17.04 -27.05
N ILE C 306 43.99 15.78 -26.87
CA ILE C 306 44.89 14.68 -27.22
C ILE C 306 45.03 14.65 -28.74
N PRO C 307 46.24 14.52 -29.28
CA PRO C 307 46.40 14.62 -30.74
C PRO C 307 45.53 13.59 -31.46
N ALA C 308 44.99 14.03 -32.61
CA ALA C 308 44.10 13.25 -33.47
C ALA C 308 42.75 12.98 -32.81
N ALA C 309 42.32 13.85 -31.91
CA ALA C 309 41.04 13.65 -31.24
C ALA C 309 39.96 14.26 -32.12
N ARG C 310 38.88 13.51 -32.34
CA ARG C 310 37.76 13.99 -33.14
C ARG C 310 36.71 14.67 -32.26
N LEU C 311 36.29 15.87 -32.64
CA LEU C 311 35.32 16.63 -31.87
C LEU C 311 33.91 16.21 -32.27
N ILE C 312 33.25 15.48 -31.39
CA ILE C 312 31.81 15.23 -31.47
C ILE C 312 31.26 15.62 -30.11
N SER C 313 30.75 16.83 -29.99
CA SER C 313 30.19 17.25 -28.71
C SER C 313 29.10 16.27 -28.28
N LEU C 314 29.01 16.07 -26.96
CA LEU C 314 28.18 15.01 -26.41
C LEU C 314 26.72 15.16 -26.82
N GLY C 315 26.24 16.39 -26.98
CA GLY C 315 24.85 16.59 -27.33
C GLY C 315 24.56 16.22 -28.77
N GLU C 316 25.57 16.29 -29.61
CA GLU C 316 25.42 15.86 -31.00
C GLU C 316 25.79 14.40 -31.20
N LEU C 317 26.31 13.72 -30.17
CA LEU C 317 26.84 12.37 -30.35
C LEU C 317 25.76 11.42 -30.87
N ALA C 318 24.58 11.42 -30.25
CA ALA C 318 23.56 10.46 -30.67
C ALA C 318 23.25 10.61 -32.14
N GLY C 319 23.18 11.85 -32.63
CA GLY C 319 22.85 12.10 -34.03
C GLY C 319 24.01 11.96 -34.98
N ARG C 320 25.25 11.98 -34.49
CA ARG C 320 26.41 11.87 -35.37
C ARG C 320 27.05 10.49 -35.24
N THR C 321 26.31 9.54 -34.70
CA THR C 321 26.82 8.20 -34.51
C THR C 321 27.08 7.50 -35.84
N ALA C 322 26.69 8.10 -36.95
CA ALA C 322 26.91 7.49 -38.25
C ALA C 322 28.32 7.69 -38.75
N GLU C 323 29.14 8.46 -38.05
CA GLU C 323 30.52 8.73 -38.44
C GLU C 323 31.53 7.78 -37.82
N LEU C 324 31.12 6.97 -36.85
CA LEU C 324 32.02 6.04 -36.19
C LEU C 324 31.75 4.62 -36.66
N THR C 325 32.81 3.83 -36.76
CA THR C 325 32.72 2.46 -37.21
C THR C 325 32.93 1.54 -36.03
N LYS C 326 32.14 0.46 -35.98
CA LYS C 326 32.27 -0.53 -34.91
C LYS C 326 33.52 -1.39 -35.05
N ASP C 327 34.22 -1.33 -36.18
CA ASP C 327 35.41 -2.16 -36.37
C ASP C 327 36.62 -1.67 -35.56
N ARG C 328 36.63 -0.40 -35.11
CA ARG C 328 37.81 0.11 -34.40
C ARG C 328 37.42 0.66 -33.05
N PRO C 329 38.20 0.39 -32.00
CA PRO C 329 37.81 0.78 -30.65
C PRO C 329 37.83 2.28 -30.46
N ILE C 330 37.06 2.71 -29.44
CA ILE C 330 36.75 4.11 -29.24
C ILE C 330 37.02 4.48 -27.79
N VAL C 331 37.79 5.54 -27.58
CA VAL C 331 38.06 6.11 -26.25
C VAL C 331 37.42 7.48 -26.20
N THR C 332 36.67 7.76 -25.14
CA THR C 332 35.98 9.02 -24.97
C THR C 332 36.72 9.92 -23.99
N VAL C 333 36.78 11.20 -24.31
CA VAL C 333 37.52 12.17 -23.51
C VAL C 333 36.65 13.37 -23.18
N SER C 334 36.74 13.86 -21.96
CA SER C 334 36.08 15.13 -21.65
C SER C 334 36.96 15.85 -20.62
N ARG C 335 36.42 16.92 -20.03
CA ARG C 335 37.23 17.75 -19.14
C ARG C 335 37.75 16.93 -17.96
N ALA C 336 36.84 16.22 -17.28
CA ALA C 336 37.23 15.49 -16.08
C ALA C 336 36.75 14.04 -16.09
N GLY C 337 36.33 13.52 -17.24
CA GLY C 337 35.96 12.13 -17.34
C GLY C 337 34.48 11.85 -17.13
N GLY C 338 33.68 12.86 -16.82
CA GLY C 338 32.26 12.67 -16.54
C GLY C 338 31.38 12.56 -17.76
N ARG C 339 31.36 13.63 -18.55
CA ARG C 339 30.62 13.63 -19.81
C ARG C 339 31.08 12.51 -20.73
N SER C 340 32.37 12.17 -20.70
CA SER C 340 32.89 11.09 -21.53
C SER C 340 32.41 9.74 -21.04
N ALA C 341 32.24 9.58 -19.74
CA ALA C 341 31.62 8.36 -19.23
C ALA C 341 30.19 8.21 -19.76
N GLN C 342 29.41 9.30 -19.76
CA GLN C 342 28.06 9.24 -20.31
C GLN C 342 28.11 8.96 -21.81
N ALA C 343 29.14 9.45 -22.49
CA ALA C 343 29.30 9.10 -23.89
C ALA C 343 29.51 7.60 -24.04
N THR C 344 30.22 7.00 -23.09
CA THR C 344 30.42 5.55 -23.07
C THR C 344 29.08 4.83 -23.00
N VAL C 345 28.14 5.36 -22.21
CA VAL C 345 26.84 4.71 -22.09
C VAL C 345 26.05 4.83 -23.38
N MET C 346 26.06 6.03 -23.98
CA MET C 346 25.29 6.23 -25.21
C MET C 346 25.79 5.34 -26.33
N LEU C 347 27.10 5.12 -26.40
CA LEU C 347 27.66 4.33 -27.49
C LEU C 347 27.31 2.86 -27.35
N ARG C 348 27.36 2.33 -26.13
CA ARG C 348 27.03 0.93 -25.95
C ARG C 348 25.58 0.66 -26.32
N GLN C 349 24.67 1.53 -25.89
CA GLN C 349 23.25 1.33 -26.21
C GLN C 349 22.95 1.63 -27.67
N ALA C 350 23.90 2.20 -28.40
CA ALA C 350 23.79 2.36 -29.85
C ALA C 350 24.48 1.23 -30.61
N GLY C 351 24.87 0.16 -29.91
CA GLY C 351 25.41 -1.02 -30.56
C GLY C 351 26.92 -1.18 -30.49
N PHE C 352 27.65 -0.20 -29.96
CA PHE C 352 29.10 -0.28 -29.91
C PHE C 352 29.60 -1.16 -28.76
N GLU C 353 30.58 -2.01 -29.08
CA GLU C 353 31.09 -3.01 -28.15
C GLU C 353 32.39 -2.57 -27.49
N ARG C 354 33.35 -2.13 -28.29
CA ARG C 354 34.70 -1.80 -27.83
C ARG C 354 34.79 -0.29 -27.58
N VAL C 355 34.39 0.10 -26.38
CA VAL C 355 34.36 1.49 -25.96
C VAL C 355 35.00 1.56 -24.59
N ALA C 356 35.65 2.68 -24.29
CA ALA C 356 36.24 2.86 -22.97
C ALA C 356 36.33 4.35 -22.66
N ASN C 357 36.38 4.66 -21.37
CA ASN C 357 36.41 6.02 -20.88
C ASN C 357 37.82 6.39 -20.47
N LEU C 358 38.21 7.65 -20.70
CA LEU C 358 39.50 8.09 -20.17
C LEU C 358 39.26 8.74 -18.81
N PRO C 359 39.53 8.01 -17.73
CA PRO C 359 39.15 8.50 -16.39
C PRO C 359 40.00 9.69 -16.02
N GLY C 360 39.40 10.61 -15.26
CA GLY C 360 40.04 11.86 -14.94
C GLY C 360 40.06 12.86 -16.08
N GLY C 361 39.78 12.45 -17.31
CA GLY C 361 39.69 13.38 -18.43
C GLY C 361 40.99 14.13 -18.76
N MET C 362 40.81 15.27 -19.45
CA MET C 362 41.96 16.08 -19.85
C MET C 362 42.73 16.58 -18.65
N LEU C 363 42.06 16.81 -17.52
CA LEU C 363 42.74 17.32 -16.34
C LEU C 363 43.79 16.33 -15.86
N ARG C 364 43.42 15.05 -15.77
CA ARG C 364 44.41 14.07 -15.34
C ARG C 364 45.43 13.84 -16.44
N TRP C 365 45.01 13.90 -17.69
CA TRP C 365 45.93 13.79 -18.81
C TRP C 365 47.04 14.83 -18.73
N ARG C 366 46.67 16.10 -18.48
CA ARG C 366 47.69 17.13 -18.38
C ARG C 366 48.52 16.99 -17.10
N ALA C 367 47.87 16.62 -15.98
CA ALA C 367 48.59 16.49 -14.70
C ALA C 367 49.61 15.36 -14.74
N GLU C 368 49.40 14.36 -15.58
CA GLU C 368 50.35 13.27 -15.78
C GLU C 368 51.37 13.61 -16.86
N GLY C 369 51.33 14.85 -17.37
CA GLY C 369 52.37 15.31 -18.27
C GLY C 369 52.35 14.63 -19.62
N ARG C 370 51.18 14.29 -20.12
CA ARG C 370 51.03 13.54 -21.35
C ARG C 370 50.85 14.49 -22.53
N VAL C 371 50.97 13.91 -23.72
CA VAL C 371 51.07 14.70 -24.94
C VAL C 371 49.76 15.43 -25.21
N VAL C 372 49.86 16.71 -25.54
CA VAL C 372 48.70 17.56 -25.83
C VAL C 372 48.96 18.48 -27.02
N GLU C 373 47.95 18.66 -27.85
CA GLU C 373 47.93 19.68 -28.90
C GLU C 373 47.21 20.90 -28.38
N ASN C 374 47.65 22.07 -28.82
CA ASN C 374 46.98 23.35 -28.63
C ASN C 374 46.75 23.69 -27.15
N GLY C 375 47.66 23.24 -26.27
CA GLY C 375 47.56 23.52 -24.86
C GLY C 375 48.43 24.70 -24.44
N SER C 376 48.30 25.07 -23.16
CA SER C 376 48.78 26.35 -22.63
C SER C 376 50.07 26.27 -21.79
FE FE D . -21.61 15.62 10.53
N1 GSH E . -27.39 16.14 19.74
CA1 GSH E . -27.10 15.88 18.35
C1 GSH E . -27.33 14.39 18.00
O11 GSH E . -27.50 14.02 16.80
O12 GSH E . -27.38 13.53 18.92
CB1 GSH E . -25.63 16.28 18.05
CG1 GSH E . -25.53 17.76 17.69
CD1 GSH E . -24.26 17.95 16.80
OE1 GSH E . -23.18 17.99 17.31
N2 GSH E . -24.39 18.08 15.32
CA2 GSH E . -23.19 18.21 14.47
C2 GSH E . -22.50 19.59 14.28
O2 GSH E . -21.52 19.59 13.64
CB2 GSH E . -23.45 17.47 13.15
SG2 GSH E . -22.51 15.92 13.14
N3 GSH E . -22.87 20.90 14.82
CA3 GSH E . -24.04 21.19 15.63
C3 GSH E . -24.10 22.69 15.96
O31 GSH E . -24.98 23.09 16.74
O32 GSH E . -23.28 23.50 15.45
CL CL F . -63.00 2.74 0.57
N1 IMD G . -37.60 20.82 9.83
C2 IMD G . -38.46 20.61 8.81
N3 IMD G . -39.54 19.92 9.28
C4 IMD G . -39.34 19.70 10.59
C5 IMD G . -38.12 20.27 10.94
C1 PGE H . -37.97 27.36 1.37
O1 PGE H . -37.58 27.39 2.72
C2 PGE H . -36.97 26.56 0.53
O2 PGE H . -37.39 25.24 0.34
C3 PGE H . -37.94 24.60 1.49
C4 PGE H . -38.06 23.10 1.28
O4 PGE H . -39.26 20.29 0.35
C6 PGE H . -39.03 21.10 -0.77
C5 PGE H . -39.51 22.51 -0.47
O3 PGE H . -39.36 22.75 0.90
FE FE I . 11.79 11.04 -7.37
N2 GSH J . 13.28 7.79 -12.41
CA2 GSH J . 13.61 8.77 -11.35
C2 GSH J . 15.15 8.90 -11.27
O2 GSH J . 15.68 9.93 -11.05
CB2 GSH J . 12.95 8.39 -10.03
SG2 GSH J . 11.67 9.59 -9.60
N3 GSH J . 15.98 7.73 -11.50
CA3 GSH J . 17.43 7.84 -11.45
CL CL K . 1.32 -26.84 11.91
FE FE L . 20.96 -22.65 -1.86
N1 GSH M . 13.91 -19.06 -8.55
CA1 GSH M . 14.99 -19.59 -7.77
C1 GSH M . 16.29 -19.34 -8.53
O11 GSH M . 16.34 -19.55 -9.77
O12 GSH M . 17.31 -18.90 -7.90
CB1 GSH M . 14.81 -21.12 -7.54
CG1 GSH M . 13.96 -21.44 -6.31
CD1 GSH M . 14.80 -21.22 -5.01
OE1 GSH M . 14.95 -20.13 -4.60
N2 GSH M . 15.38 -22.38 -4.28
CA2 GSH M . 16.20 -22.27 -3.05
C2 GSH M . 15.35 -22.02 -1.80
O2 GSH M . 15.77 -22.36 -0.76
CB2 GSH M . 17.35 -21.27 -3.17
SG2 GSH M . 18.84 -22.10 -3.79
N3 GSH M . 14.04 -21.37 -1.87
CA3 GSH M . 13.25 -21.16 -0.65
C3 GSH M . 12.18 -20.07 -0.84
O31 GSH M . 11.64 -19.57 0.18
O32 GSH M . 11.85 -19.67 -1.99
CL CL N . 33.63 16.07 -18.09
N1 IMD O . 16.92 -6.53 -2.56
C2 IMD O . 17.44 -5.29 -2.39
N3 IMD O . 17.43 -4.63 -3.57
C4 IMD O . 16.91 -5.47 -4.50
C5 IMD O . 16.58 -6.67 -3.86
#